data_6I2S
#
_entry.id   6I2S
#
_cell.length_a   141.270
_cell.length_b   168.060
_cell.length_c   101.570
_cell.angle_alpha   90.00
_cell.angle_beta   90.00
_cell.angle_gamma   90.00
#
_symmetry.space_group_name_H-M   'C 2 2 21'
#
loop_
_entity.id
_entity.type
_entity.pdbx_description
1 polymer 'Multifunctional 2-oxoglutarate metabolism enzyme'
2 polymer 'Glycogen accumulation regulator GarA'
3 non-polymer 'MAGNESIUM ION'
4 non-polymer 'CALCIUM ION'
5 non-polymer 'PHOSPHATE ION'
6 non-polymer '(4S)-4-{3-[(4-amino-2-methylpyrimidin-5-yl)methyl]-5-(2-{[(S)-hydroxy(phosphonooxy)phosphoryl]oxy}ethyl)-4-methyl-1,3lambda~5~-thiazol-2-yl}-4-hydroxybutanoic acid'
7 water water
#
loop_
_entity_poly.entity_id
_entity_poly.type
_entity_poly.pdbx_seq_one_letter_code
_entity_poly.pdbx_strand_id
1 'polypeptide(L)'
;GDSIEDKNARVIELIAAYRNRGHLMADIDPLRLDNTRFRSHPDLDVNSHGLTLWDLDREFKVDGFAGVQRKKLRDILSVL
RDAYCRHVGVEYTHILEPEQQRWIQERVETKHDKPTVAEQKYILSKLNAAEAFETFLQTKYVGQKRFSLEGAETVIPMMD
AVIDQCAEHGLDEVVIAMPHRGRLNVLANIVGKPYSQIFSEFEGNLNPSQAHGSGDVKYHLGATGTYIQMFGDNDIEVSL
TANPSHLEAVDPVLEGLVRAKQDLLDTGEEGSDNRFSVVPLMLHGDAAFAGQGVVAETLNLALLRGYRTGGTIHIVVNNQ
IGFTTAPTDSRSSEYCTDVAKMIGAPIFHVNGDDPEACAWVARLAVDFRQAFKKDVVIDMLCYRRRGHNEGDDPSMTQPY
MYDVIDTKRGSRKAYTEALIGRGDISMKEAEDALRDYQGQLEAVFNEVRELEKHEIEPSESVEADQQIPSKLATAVDKAM
LQRIGDAHLALPEGFTVHPRVRPVLEKRREMAYEGRIDWAFAELLALGSLIAEGKLVRLSGQDTQRGTFTQRHAVIVDRK
TGEEFTPLQLLATNPDGTPTGGKFLVYNSALSEFAAVGFEYGYSVGNPDAMVLWEAQFGDFVNGAQSIIDEFISSGEAKW
GQLSDVVLLLPHGHEGQGPDHTSGRIERFLQLWAEGSMTIAMPSTPANYFHLLRRHGKDGIQRPLIVFTPKSMLRNKAAV
SDIRDFTESKFRSVLEEPMYTDGEGDRNKVTRLLLTSGKIYYELAARKAKENREDVAIVRIEQLAPLPRRRLAETLDRYP
NVKEKFWVQEEPANQGAWPSFGLTLPEILPDHFTGLKRISRRAMSAPSSGSSKVHAVEQQEILDTAFG
;
A
2 'polypeptide(L)'
;GSGVEGLPSGSALLVVKRGPNAGSRFLLDQPTTSAGRHPDSDIFLDDVTVSRRHAEFRLEGGEFQVVDVGSLNGTYVNRE
PVDSAVLANGDEVQIGKFRLVFLTGPKSDDSGSNA
;
B
#
# COMPACT_ATOMS: atom_id res chain seq x y z
N ASP A 2 41.43 -6.80 42.53
CA ASP A 2 40.14 -7.47 42.62
C ASP A 2 40.18 -8.88 42.01
N SER A 3 39.27 -9.77 42.50
CA SER A 3 39.13 -11.18 42.11
C SER A 3 38.80 -11.37 40.62
N ILE A 4 39.07 -12.59 40.10
CA ILE A 4 38.77 -13.00 38.73
C ILE A 4 37.24 -13.09 38.57
N GLU A 5 36.51 -13.33 39.69
CA GLU A 5 35.05 -13.39 39.79
C GLU A 5 34.44 -12.02 39.49
N ASP A 6 35.08 -10.96 40.02
CA ASP A 6 34.73 -9.56 39.84
C ASP A 6 34.97 -9.15 38.39
N LYS A 7 36.12 -9.58 37.81
CA LYS A 7 36.53 -9.31 36.42
C LYS A 7 35.58 -10.01 35.43
N ASN A 8 35.20 -11.28 35.72
CA ASN A 8 34.24 -12.05 34.91
C ASN A 8 32.90 -11.32 34.84
N ALA A 9 32.35 -10.89 36.00
CA ALA A 9 31.09 -10.13 36.14
C ALA A 9 31.07 -8.91 35.22
N ARG A 10 32.18 -8.15 35.20
CA ARG A 10 32.40 -6.94 34.39
C ARG A 10 32.39 -7.25 32.88
N VAL A 11 32.95 -8.40 32.47
CA VAL A 11 33.00 -8.84 31.07
C VAL A 11 31.59 -9.21 30.61
N ILE A 12 30.82 -9.97 31.45
CA ILE A 12 29.44 -10.34 31.13
C ILE A 12 28.62 -9.05 30.90
N GLU A 13 28.90 -8.03 31.70
CA GLU A 13 28.21 -6.74 31.66
C GLU A 13 28.68 -5.89 30.47
N LEU A 14 29.99 -5.96 30.12
CA LEU A 14 30.58 -5.30 28.95
C LEU A 14 29.95 -5.90 27.66
N ILE A 15 29.77 -7.25 27.62
CA ILE A 15 29.13 -7.96 26.51
C ILE A 15 27.68 -7.40 26.35
N ALA A 16 26.91 -7.30 27.45
CA ALA A 16 25.54 -6.77 27.45
C ALA A 16 25.52 -5.31 27.01
N ALA A 17 26.53 -4.52 27.43
CA ALA A 17 26.62 -3.09 27.10
C ALA A 17 26.77 -2.86 25.59
N TYR A 18 27.53 -3.72 24.88
CA TYR A 18 27.75 -3.64 23.42
C TYR A 18 26.50 -4.03 22.67
N ARG A 19 25.92 -5.20 22.97
CA ARG A 19 24.68 -5.71 22.38
C ARG A 19 23.53 -4.70 22.55
N ASN A 20 23.42 -4.09 23.74
CA ASN A 20 22.39 -3.10 24.06
C ASN A 20 22.67 -1.73 23.49
N ARG A 21 23.91 -1.19 23.67
CA ARG A 21 24.21 0.21 23.37
C ARG A 21 25.36 0.49 22.42
N GLY A 22 25.97 -0.54 21.86
CA GLY A 22 27.06 -0.37 20.89
C GLY A 22 26.70 0.50 19.71
N HIS A 23 25.40 0.50 19.29
CA HIS A 23 24.85 1.28 18.16
C HIS A 23 25.07 2.79 18.32
N LEU A 24 25.23 3.25 19.58
CA LEU A 24 25.47 4.64 19.94
C LEU A 24 26.90 5.07 19.63
N MET A 25 27.83 4.11 19.57
CA MET A 25 29.23 4.35 19.28
C MET A 25 29.57 4.03 17.84
N ALA A 26 28.68 3.36 17.09
CA ALA A 26 28.89 2.93 15.70
C ALA A 26 29.17 4.10 14.75
N ASP A 27 30.07 3.87 13.78
CA ASP A 27 30.44 4.86 12.74
C ASP A 27 29.44 4.76 11.59
N ILE A 28 28.24 5.33 11.82
CA ILE A 28 27.10 5.25 10.90
C ILE A 28 26.93 6.56 10.09
N ASP A 29 27.51 7.67 10.57
CA ASP A 29 27.32 8.94 9.87
C ASP A 29 28.40 9.17 8.83
N PRO A 30 28.07 9.19 7.50
CA PRO A 30 29.11 9.46 6.46
C PRO A 30 29.76 10.85 6.56
N LEU A 31 29.07 11.83 7.17
CA LEU A 31 29.50 13.22 7.32
C LEU A 31 30.29 13.45 8.60
N ARG A 32 30.19 12.50 9.57
CA ARG A 32 30.83 12.58 10.90
C ARG A 32 30.55 13.97 11.56
N LEU A 33 29.29 14.43 11.52
CA LEU A 33 28.91 15.75 12.03
C LEU A 33 29.06 15.89 13.56
N ASP A 34 28.87 14.82 14.33
CA ASP A 34 29.00 14.91 15.79
C ASP A 34 30.43 14.57 16.17
N ASN A 35 31.19 15.62 16.57
CA ASN A 35 32.59 15.49 16.99
C ASN A 35 32.71 14.81 18.38
N THR A 36 31.59 14.79 19.16
CA THR A 36 31.52 14.18 20.50
C THR A 36 30.87 12.78 20.47
N ARG A 37 30.67 12.16 19.27
CA ARG A 37 30.05 10.84 19.09
C ARG A 37 30.90 9.73 19.72
N PHE A 38 32.23 9.73 19.44
CA PHE A 38 33.14 8.71 19.96
C PHE A 38 33.95 9.28 21.13
N ASP A 45 36.04 5.65 27.38
CA ASP A 45 36.23 4.23 27.08
C ASP A 45 35.36 3.37 28.00
N VAL A 46 34.42 2.62 27.39
CA VAL A 46 33.48 1.70 28.05
C VAL A 46 34.27 0.55 28.71
N ASN A 47 35.35 0.09 28.02
CA ASN A 47 36.25 -0.99 28.45
C ASN A 47 36.76 -0.81 29.89
N SER A 48 37.18 0.41 30.26
CA SER A 48 37.69 0.68 31.60
C SER A 48 36.56 0.85 32.64
N HIS A 49 36.15 -0.29 33.22
CA HIS A 49 35.16 -0.39 34.31
C HIS A 49 35.55 -1.62 35.17
N GLY A 50 36.73 -1.55 35.78
CA GLY A 50 37.30 -2.63 36.57
C GLY A 50 38.18 -3.52 35.71
N LEU A 51 38.07 -3.34 34.37
CA LEU A 51 38.84 -4.05 33.34
C LEU A 51 39.93 -3.12 32.79
N THR A 52 41.14 -3.66 32.70
CA THR A 52 42.32 -2.92 32.25
C THR A 52 43.04 -3.64 31.11
N LEU A 53 44.12 -3.01 30.63
CA LEU A 53 45.01 -3.48 29.58
C LEU A 53 45.57 -4.86 29.93
N TRP A 54 45.77 -5.12 31.23
CA TRP A 54 46.32 -6.35 31.81
C TRP A 54 45.39 -7.55 31.61
N ASP A 55 44.06 -7.30 31.60
CA ASP A 55 43.00 -8.32 31.46
C ASP A 55 42.69 -8.69 30.00
N LEU A 56 43.29 -7.99 29.01
CA LEU A 56 43.07 -8.22 27.57
C LEU A 56 43.36 -9.66 27.14
N ASP A 57 44.37 -10.28 27.78
CA ASP A 57 44.80 -11.64 27.46
C ASP A 57 44.35 -12.66 28.52
N ARG A 58 43.47 -12.25 29.44
CA ARG A 58 42.86 -13.15 30.43
C ARG A 58 41.66 -13.82 29.75
N GLU A 59 41.51 -15.14 29.92
CA GLU A 59 40.40 -15.85 29.29
C GLU A 59 39.14 -15.75 30.13
N PHE A 60 37.99 -15.70 29.44
CA PHE A 60 36.67 -15.63 30.04
C PHE A 60 35.73 -16.58 29.32
N LYS A 61 34.82 -17.23 30.06
CA LYS A 61 33.86 -18.18 29.50
C LYS A 61 32.80 -17.43 28.68
N VAL A 62 32.42 -18.04 27.56
CA VAL A 62 31.47 -17.51 26.57
C VAL A 62 30.64 -18.69 26.00
N ASP A 63 29.37 -18.44 25.57
CA ASP A 63 28.49 -19.47 25.02
C ASP A 63 28.89 -19.81 23.58
N VAL A 68 29.95 -23.55 24.67
CA VAL A 68 30.50 -22.87 25.85
C VAL A 68 32.05 -22.96 25.78
N GLN A 69 32.67 -21.99 25.08
CA GLN A 69 34.12 -21.83 24.87
C GLN A 69 34.73 -20.83 25.89
N ARG A 70 36.06 -20.70 25.90
CA ARG A 70 36.75 -19.73 26.76
C ARG A 70 37.61 -18.83 25.88
N LYS A 71 37.26 -17.54 25.79
CA LYS A 71 37.96 -16.57 24.92
C LYS A 71 38.63 -15.41 25.69
N LYS A 72 39.73 -14.88 25.13
CA LYS A 72 40.46 -13.72 25.66
C LYS A 72 39.58 -12.48 25.61
N LEU A 73 39.88 -11.45 26.44
CA LEU A 73 39.07 -10.23 26.44
C LEU A 73 39.22 -9.47 25.10
N ARG A 74 40.42 -9.47 24.50
CA ARG A 74 40.69 -8.83 23.21
C ARG A 74 39.93 -9.50 22.05
N ASP A 75 39.72 -10.83 22.13
CA ASP A 75 38.97 -11.58 21.12
C ASP A 75 37.47 -11.25 21.23
N ILE A 76 36.97 -11.14 22.47
CA ILE A 76 35.58 -10.77 22.74
C ILE A 76 35.36 -9.34 22.23
N LEU A 77 36.29 -8.42 22.57
CA LEU A 77 36.21 -7.02 22.18
C LEU A 77 36.23 -6.84 20.66
N SER A 78 37.11 -7.55 19.94
CA SER A 78 37.19 -7.44 18.48
C SER A 78 35.90 -7.91 17.83
N VAL A 79 35.31 -9.03 18.31
CA VAL A 79 34.04 -9.51 17.76
C VAL A 79 32.95 -8.43 18.02
N LEU A 80 32.81 -8.00 19.29
CA LEU A 80 31.84 -7.00 19.72
C LEU A 80 31.96 -5.69 18.93
N ARG A 81 33.20 -5.18 18.73
CA ARG A 81 33.47 -3.95 17.98
C ARG A 81 33.12 -4.14 16.50
N ASP A 82 33.52 -5.26 15.89
CA ASP A 82 33.21 -5.53 14.49
C ASP A 82 31.72 -5.62 14.28
N ALA A 83 31.00 -6.32 15.19
CA ALA A 83 29.57 -6.52 15.08
C ALA A 83 28.75 -5.27 15.36
N TYR A 84 29.09 -4.48 16.39
CA TYR A 84 28.21 -3.40 16.79
C TYR A 84 28.77 -2.00 16.68
N CYS A 85 30.06 -1.83 16.38
CA CYS A 85 30.63 -0.49 16.41
C CYS A 85 31.34 -0.07 15.13
N ARG A 86 31.08 -0.75 14.01
CA ARG A 86 31.72 -0.37 12.74
C ARG A 86 30.73 0.49 11.96
N HIS A 87 30.34 0.05 10.75
CA HIS A 87 29.42 0.82 9.91
C HIS A 87 27.97 0.37 10.06
N VAL A 88 27.69 -0.57 11.00
CA VAL A 88 26.32 -1.06 11.27
C VAL A 88 25.97 -0.94 12.76
N GLY A 89 24.95 -0.14 13.06
CA GLY A 89 24.40 0.04 14.39
C GLY A 89 23.20 -0.86 14.55
N VAL A 90 23.37 -1.96 15.31
CA VAL A 90 22.33 -2.96 15.52
C VAL A 90 21.48 -2.70 16.79
N GLU A 91 20.15 -2.51 16.63
CA GLU A 91 19.23 -2.41 17.78
C GLU A 91 18.28 -3.61 17.76
N TYR A 92 18.44 -4.52 18.75
CA TYR A 92 17.62 -5.72 18.79
C TYR A 92 17.29 -6.20 20.22
N THR A 93 17.96 -5.70 21.28
CA THR A 93 17.71 -6.23 22.64
C THR A 93 16.39 -5.75 23.27
N HIS A 94 15.57 -4.97 22.52
CA HIS A 94 14.23 -4.46 22.89
C HIS A 94 13.15 -5.46 22.45
N ILE A 95 13.54 -6.40 21.58
CA ILE A 95 12.67 -7.45 21.06
C ILE A 95 12.30 -8.40 22.23
N LEU A 96 11.01 -8.66 22.43
CA LEU A 96 10.56 -9.49 23.54
C LEU A 96 10.74 -10.98 23.29
N GLU A 97 10.73 -11.42 22.03
CA GLU A 97 10.91 -12.83 21.67
C GLU A 97 12.41 -13.23 21.76
N PRO A 98 12.81 -14.15 22.68
CA PRO A 98 14.23 -14.51 22.79
C PRO A 98 14.80 -15.19 21.55
N GLU A 99 13.98 -15.98 20.82
CA GLU A 99 14.41 -16.66 19.59
C GLU A 99 14.91 -15.62 18.55
N GLN A 100 14.20 -14.48 18.40
CA GLN A 100 14.49 -13.40 17.47
C GLN A 100 15.78 -12.69 17.85
N GLN A 101 16.03 -12.46 19.16
CA GLN A 101 17.27 -11.85 19.66
C GLN A 101 18.49 -12.74 19.39
N ARG A 102 18.34 -14.06 19.64
CA ARG A 102 19.36 -15.10 19.41
C ARG A 102 19.69 -15.23 17.90
N TRP A 103 18.66 -15.17 17.02
CA TRP A 103 18.80 -15.25 15.58
C TRP A 103 19.67 -14.10 15.06
N ILE A 104 19.42 -12.85 15.52
CA ILE A 104 20.19 -11.66 15.12
C ILE A 104 21.62 -11.75 15.69
N GLN A 105 21.73 -12.03 17.00
CA GLN A 105 23.01 -12.19 17.71
C GLN A 105 23.93 -13.19 17.00
N GLU A 106 23.38 -14.31 16.50
CA GLU A 106 24.19 -15.33 15.83
C GLU A 106 24.72 -14.88 14.47
N ARG A 107 23.91 -14.14 13.68
CA ARG A 107 24.29 -13.68 12.34
CA ARG A 107 24.30 -13.68 12.35
C ARG A 107 25.13 -12.41 12.38
N VAL A 108 24.99 -11.60 13.41
CA VAL A 108 25.71 -10.34 13.53
C VAL A 108 27.09 -10.56 14.20
N GLU A 109 27.18 -11.50 15.14
CA GLU A 109 28.44 -11.75 15.87
C GLU A 109 29.35 -12.80 15.19
N THR A 110 28.94 -13.43 14.08
CA THR A 110 29.83 -14.39 13.40
C THR A 110 30.85 -13.65 12.57
N LYS A 111 32.02 -14.29 12.32
CA LYS A 111 33.07 -13.73 11.46
C LYS A 111 32.52 -13.73 10.04
N HIS A 112 32.43 -12.54 9.42
CA HIS A 112 31.84 -12.42 8.09
C HIS A 112 32.86 -12.60 6.99
N ASP A 113 32.50 -13.44 6.01
CA ASP A 113 33.30 -13.67 4.81
C ASP A 113 33.01 -12.52 3.86
N LYS A 114 34.05 -11.77 3.45
CA LYS A 114 33.93 -10.59 2.60
C LYS A 114 33.26 -10.94 1.23
N PRO A 115 32.58 -9.98 0.54
CA PRO A 115 31.99 -10.31 -0.77
C PRO A 115 33.04 -10.79 -1.77
N THR A 116 32.60 -11.53 -2.78
CA THR A 116 33.48 -11.98 -3.85
C THR A 116 33.73 -10.77 -4.72
N VAL A 117 34.80 -10.81 -5.53
CA VAL A 117 35.14 -9.71 -6.45
C VAL A 117 33.90 -9.46 -7.37
N ALA A 118 33.26 -10.55 -7.85
CA ALA A 118 32.07 -10.51 -8.68
C ALA A 118 30.96 -9.69 -8.03
N GLU A 119 30.67 -9.94 -6.72
CA GLU A 119 29.67 -9.23 -5.91
C GLU A 119 30.05 -7.75 -5.75
N GLN A 120 31.31 -7.46 -5.42
CA GLN A 120 31.84 -6.11 -5.28
C GLN A 120 31.69 -5.32 -6.61
N LYS A 121 32.10 -5.92 -7.73
CA LYS A 121 31.98 -5.34 -9.07
C LYS A 121 30.49 -5.09 -9.43
N TYR A 122 29.59 -6.02 -9.00
CA TYR A 122 28.16 -5.90 -9.23
C TYR A 122 27.59 -4.68 -8.45
N ILE A 123 27.99 -4.50 -7.16
CA ILE A 123 27.58 -3.36 -6.34
C ILE A 123 28.04 -2.06 -7.04
N LEU A 124 29.31 -2.02 -7.48
CA LEU A 124 29.90 -0.89 -8.19
C LEU A 124 29.13 -0.57 -9.50
N SER A 125 28.65 -1.61 -10.24
CA SER A 125 27.89 -1.41 -11.47
C SER A 125 26.53 -0.73 -11.19
N LYS A 126 25.92 -1.00 -10.01
CA LYS A 126 24.68 -0.41 -9.52
C LYS A 126 24.92 1.03 -9.04
N LEU A 127 26.09 1.34 -8.44
CA LEU A 127 26.47 2.73 -8.08
C LEU A 127 26.75 3.53 -9.36
N ASN A 128 27.38 2.88 -10.37
CA ASN A 128 27.63 3.48 -11.68
C ASN A 128 26.30 3.92 -12.30
N ALA A 129 25.32 3.01 -12.34
CA ALA A 129 23.98 3.24 -12.85
C ALA A 129 23.25 4.31 -12.06
N ALA A 130 23.31 4.28 -10.70
CA ALA A 130 22.62 5.25 -9.84
C ALA A 130 23.15 6.67 -10.04
N GLU A 131 24.48 6.85 -10.09
CA GLU A 131 25.15 8.13 -10.25
C GLU A 131 25.02 8.64 -11.68
N ALA A 132 25.08 7.74 -12.70
CA ALA A 132 24.96 8.16 -14.10
C ALA A 132 23.57 8.73 -14.34
N PHE A 133 22.55 8.08 -13.73
CA PHE A 133 21.16 8.48 -13.82
C PHE A 133 20.95 9.90 -13.25
N GLU A 134 21.50 10.15 -12.04
CA GLU A 134 21.44 11.43 -11.32
C GLU A 134 22.13 12.54 -12.13
N THR A 135 23.36 12.27 -12.63
CA THR A 135 24.14 13.21 -13.44
C THR A 135 23.30 13.62 -14.66
N PHE A 136 22.70 12.63 -15.37
CA PHE A 136 21.84 12.92 -16.51
C PHE A 136 20.69 13.84 -16.14
N LEU A 137 19.96 13.50 -15.06
CA LEU A 137 18.78 14.22 -14.55
C LEU A 137 19.05 15.69 -14.27
N GLN A 138 20.11 15.99 -13.49
CA GLN A 138 20.51 17.35 -13.14
C GLN A 138 20.99 18.12 -14.36
N THR A 139 21.71 17.45 -15.30
CA THR A 139 22.27 18.05 -16.54
C THR A 139 21.17 18.35 -17.59
N LYS A 140 20.42 17.31 -18.03
CA LYS A 140 19.42 17.36 -19.10
C LYS A 140 18.22 18.23 -18.78
N TYR A 141 17.70 18.15 -17.56
CA TYR A 141 16.51 18.90 -17.19
C TYR A 141 16.76 19.87 -16.05
N VAL A 142 16.04 21.00 -16.08
CA VAL A 142 16.07 22.01 -15.02
C VAL A 142 14.91 21.70 -14.03
N GLY A 143 15.11 22.04 -12.76
CA GLY A 143 14.14 21.80 -11.71
C GLY A 143 14.02 20.35 -11.28
N GLN A 144 15.14 19.62 -11.26
CA GLN A 144 15.18 18.21 -10.84
C GLN A 144 15.98 18.07 -9.53
N LYS A 145 16.34 19.20 -8.90
CA LYS A 145 17.09 19.28 -7.65
C LYS A 145 16.29 18.67 -6.48
N ARG A 146 14.95 18.89 -6.48
CA ARG A 146 14.04 18.41 -5.43
C ARG A 146 13.94 16.89 -5.39
N PHE A 147 14.27 16.24 -6.50
CA PHE A 147 14.19 14.78 -6.62
C PHE A 147 15.52 14.08 -6.55
N SER A 148 16.62 14.83 -6.37
CA SER A 148 17.97 14.29 -6.37
C SER A 148 18.23 13.28 -5.24
N LEU A 149 18.79 12.15 -5.66
CA LEU A 149 19.23 11.02 -4.84
C LEU A 149 20.73 11.17 -4.57
N GLU A 150 21.35 12.29 -5.02
CA GLU A 150 22.77 12.58 -4.79
C GLU A 150 23.09 12.65 -3.29
N GLY A 151 24.00 11.80 -2.88
CA GLY A 151 24.42 11.68 -1.49
C GLY A 151 23.72 10.51 -0.86
N ALA A 152 22.79 9.85 -1.60
CA ALA A 152 22.03 8.70 -1.13
C ALA A 152 21.96 7.52 -2.16
N GLU A 153 22.79 7.53 -3.24
CA GLU A 153 22.81 6.54 -4.33
C GLU A 153 22.97 5.09 -3.87
N THR A 154 23.53 4.86 -2.67
CA THR A 154 23.73 3.54 -2.07
C THR A 154 22.38 2.83 -1.83
N VAL A 155 21.27 3.59 -1.82
CA VAL A 155 19.93 3.03 -1.68
C VAL A 155 19.62 2.14 -2.91
N ILE A 156 20.25 2.40 -4.07
CA ILE A 156 20.03 1.59 -5.28
C ILE A 156 20.65 0.17 -5.12
N PRO A 157 21.97 -0.06 -4.85
CA PRO A 157 22.41 -1.45 -4.58
C PRO A 157 21.73 -2.09 -3.35
N MET A 158 21.30 -1.27 -2.38
CA MET A 158 20.62 -1.73 -1.16
C MET A 158 19.24 -2.30 -1.50
N MET A 159 18.44 -1.58 -2.31
CA MET A 159 17.12 -2.03 -2.78
C MET A 159 17.29 -3.26 -3.66
N ASP A 160 18.32 -3.25 -4.49
CA ASP A 160 18.67 -4.36 -5.36
C ASP A 160 18.89 -5.67 -4.56
N ALA A 161 19.64 -5.58 -3.44
CA ALA A 161 19.97 -6.67 -2.52
C ALA A 161 18.74 -7.18 -1.81
N VAL A 162 17.77 -6.28 -1.51
CA VAL A 162 16.48 -6.65 -0.88
C VAL A 162 15.75 -7.57 -1.86
N ILE A 163 15.56 -7.09 -3.10
CA ILE A 163 14.78 -7.75 -4.13
C ILE A 163 15.43 -9.06 -4.53
N ASP A 164 16.75 -9.06 -4.70
CA ASP A 164 17.54 -10.22 -5.02
C ASP A 164 17.38 -11.30 -3.97
N GLN A 165 17.45 -10.91 -2.68
CA GLN A 165 17.26 -11.83 -1.56
C GLN A 165 15.81 -12.40 -1.58
N CYS A 166 14.81 -11.58 -1.91
CA CYS A 166 13.44 -12.07 -2.04
C CYS A 166 13.34 -13.13 -3.18
N ALA A 167 14.00 -12.88 -4.32
CA ALA A 167 14.10 -13.81 -5.46
C ALA A 167 14.84 -15.11 -5.06
N GLU A 168 15.88 -15.00 -4.21
CA GLU A 168 16.64 -16.12 -3.64
C GLU A 168 15.72 -17.01 -2.74
N HIS A 169 14.67 -16.42 -2.10
CA HIS A 169 13.67 -17.15 -1.30
C HIS A 169 12.53 -17.68 -2.19
N GLY A 170 12.59 -17.37 -3.49
CA GLY A 170 11.63 -17.83 -4.49
C GLY A 170 10.25 -17.21 -4.37
N LEU A 171 10.18 -16.00 -3.82
CA LEU A 171 8.94 -15.24 -3.62
C LEU A 171 8.38 -14.74 -4.97
N ASP A 172 7.14 -14.22 -4.98
CA ASP A 172 6.51 -13.88 -6.24
C ASP A 172 6.61 -12.43 -6.66
N GLU A 173 6.56 -11.51 -5.68
CA GLU A 173 6.59 -10.10 -6.02
C GLU A 173 7.06 -9.27 -4.86
N VAL A 174 7.71 -8.15 -5.21
CA VAL A 174 8.11 -7.10 -4.29
C VAL A 174 7.33 -5.86 -4.72
N VAL A 175 6.49 -5.34 -3.80
CA VAL A 175 5.74 -4.12 -4.12
C VAL A 175 6.35 -3.02 -3.28
N ILE A 176 6.78 -1.94 -3.98
CA ILE A 176 7.43 -0.75 -3.42
C ILE A 176 6.44 0.40 -3.27
N ALA A 177 6.58 1.13 -2.16
CA ALA A 177 5.94 2.41 -1.86
C ALA A 177 7.08 3.34 -1.47
N MET A 178 7.11 4.58 -1.98
CA MET A 178 8.21 5.50 -1.66
C MET A 178 7.81 6.95 -1.89
N PRO A 179 8.55 7.94 -1.32
CA PRO A 179 8.29 9.34 -1.67
C PRO A 179 8.98 9.68 -3.03
N HIS A 180 9.10 10.97 -3.37
CA HIS A 180 9.64 11.44 -4.66
C HIS A 180 11.17 11.29 -4.85
N ARG A 181 11.98 11.42 -3.77
CA ARG A 181 13.44 11.42 -3.86
C ARG A 181 14.00 10.11 -4.44
N GLY A 182 14.62 10.25 -5.62
CA GLY A 182 15.22 9.15 -6.36
C GLY A 182 14.24 8.21 -7.04
N ARG A 183 12.97 8.63 -7.26
CA ARG A 183 11.94 7.76 -7.86
C ARG A 183 12.23 7.31 -9.26
N LEU A 184 12.60 8.23 -10.17
CA LEU A 184 12.89 7.84 -11.56
C LEU A 184 14.12 6.98 -11.63
N ASN A 185 15.03 7.10 -10.65
CA ASN A 185 16.27 6.32 -10.49
C ASN A 185 15.89 4.88 -10.09
N VAL A 186 14.90 4.76 -9.19
CA VAL A 186 14.35 3.48 -8.76
C VAL A 186 13.63 2.83 -9.99
N LEU A 187 12.83 3.61 -10.73
CA LEU A 187 12.14 3.14 -11.93
C LEU A 187 13.11 2.58 -12.99
N ALA A 188 14.24 3.26 -13.23
CA ALA A 188 15.20 2.78 -14.22
C ALA A 188 16.05 1.62 -13.71
N ASN A 189 16.65 1.77 -12.53
CA ASN A 189 17.66 0.84 -12.01
C ASN A 189 17.14 -0.25 -11.09
N ILE A 190 15.89 -0.16 -10.60
CA ILE A 190 15.30 -1.19 -9.75
C ILE A 190 14.07 -1.83 -10.47
N VAL A 191 13.06 -1.02 -10.84
CA VAL A 191 11.84 -1.53 -11.47
C VAL A 191 12.15 -2.01 -12.89
N GLY A 192 13.13 -1.38 -13.51
CA GLY A 192 13.63 -1.70 -14.84
C GLY A 192 12.83 -1.12 -15.99
N LYS A 193 12.16 0.04 -15.79
CA LYS A 193 11.41 0.68 -16.87
C LYS A 193 12.39 1.32 -17.88
N PRO A 194 12.09 1.30 -19.20
CA PRO A 194 13.04 1.90 -20.16
C PRO A 194 13.00 3.41 -20.08
N TYR A 195 14.08 4.06 -20.55
CA TYR A 195 14.23 5.51 -20.57
C TYR A 195 13.19 6.16 -21.47
N SER A 196 12.77 5.46 -22.54
CA SER A 196 11.77 5.95 -23.49
C SER A 196 10.42 6.18 -22.78
N GLN A 197 10.04 5.28 -21.86
CA GLN A 197 8.82 5.42 -21.07
C GLN A 197 8.98 6.44 -19.95
N ILE A 198 10.12 6.42 -19.23
CA ILE A 198 10.43 7.30 -18.09
C ILE A 198 10.43 8.78 -18.53
N PHE A 199 11.01 9.11 -19.70
CA PHE A 199 11.10 10.50 -20.16
C PHE A 199 10.36 10.72 -21.50
N SER A 200 9.11 10.20 -21.61
CA SER A 200 8.26 10.29 -22.82
C SER A 200 7.86 11.74 -23.16
N GLU A 201 7.32 12.48 -22.17
CA GLU A 201 6.90 13.88 -22.33
C GLU A 201 7.14 14.57 -20.98
N PHE A 202 8.40 14.99 -20.76
CA PHE A 202 8.87 15.61 -19.51
C PHE A 202 8.65 17.14 -19.52
N GLU A 203 7.91 17.63 -18.50
CA GLU A 203 7.56 19.04 -18.29
C GLU A 203 8.13 19.56 -16.96
N ASP A 216 6.72 16.68 -12.36
CA ASP A 216 5.82 15.97 -13.26
C ASP A 216 4.87 15.00 -12.52
N VAL A 217 3.96 14.35 -13.28
CA VAL A 217 3.01 13.34 -12.78
C VAL A 217 3.76 11.97 -12.71
N LYS A 218 4.91 11.86 -13.42
CA LYS A 218 5.79 10.69 -13.46
C LYS A 218 6.35 10.38 -12.08
N TYR A 219 6.36 11.37 -11.16
CA TYR A 219 6.84 11.18 -9.78
C TYR A 219 5.75 10.60 -8.87
N HIS A 220 4.56 10.28 -9.44
CA HIS A 220 3.45 9.77 -8.64
C HIS A 220 2.80 8.52 -9.21
N LEU A 221 3.02 8.19 -10.49
CA LEU A 221 2.42 7.02 -11.13
C LEU A 221 2.95 5.65 -10.61
N GLY A 222 2.13 4.61 -10.79
CA GLY A 222 2.47 3.23 -10.49
C GLY A 222 3.25 2.65 -11.66
N ALA A 223 3.96 1.52 -11.45
CA ALA A 223 4.75 0.82 -12.49
C ALA A 223 4.98 -0.63 -12.10
N THR A 224 5.16 -1.50 -13.11
CA THR A 224 5.44 -2.93 -12.91
C THR A 224 6.59 -3.33 -13.84
N GLY A 225 7.45 -4.22 -13.35
CA GLY A 225 8.58 -4.76 -14.08
C GLY A 225 8.99 -6.12 -13.56
N THR A 226 10.01 -6.70 -14.20
CA THR A 226 10.55 -8.01 -13.81
C THR A 226 12.02 -7.87 -13.41
N TYR A 227 12.34 -8.30 -12.19
CA TYR A 227 13.70 -8.32 -11.72
C TYR A 227 14.28 -9.73 -12.00
N ILE A 228 15.47 -9.77 -12.62
CA ILE A 228 16.23 -10.98 -12.94
C ILE A 228 17.49 -11.02 -12.06
N GLN A 229 17.71 -12.12 -11.33
CA GLN A 229 18.90 -12.23 -10.49
C GLN A 229 20.18 -12.31 -11.34
N MET A 230 21.25 -11.67 -10.88
CA MET A 230 22.55 -11.64 -11.54
C MET A 230 23.35 -12.94 -11.31
N PHE A 231 23.23 -13.55 -10.16
CA PHE A 231 23.99 -14.75 -9.84
C PHE A 231 23.06 -15.93 -9.54
N GLY A 232 21.74 -15.67 -9.54
CA GLY A 232 20.74 -16.69 -9.23
C GLY A 232 19.94 -17.11 -10.44
N ASP A 233 19.05 -18.09 -10.21
CA ASP A 233 18.24 -18.70 -11.23
C ASP A 233 16.82 -18.16 -11.27
N ASN A 234 16.48 -17.26 -10.34
CA ASN A 234 15.12 -16.81 -10.22
C ASN A 234 14.90 -15.40 -10.69
N ASP A 235 13.64 -15.16 -11.03
CA ASP A 235 13.03 -13.90 -11.41
C ASP A 235 12.00 -13.57 -10.32
N ILE A 236 11.66 -12.30 -10.19
CA ILE A 236 10.67 -11.85 -9.22
C ILE A 236 10.01 -10.62 -9.83
N GLU A 237 8.70 -10.46 -9.61
CA GLU A 237 7.96 -9.33 -10.12
C GLU A 237 8.22 -8.14 -9.21
N VAL A 238 8.45 -7.00 -9.78
CA VAL A 238 8.70 -5.81 -8.96
C VAL A 238 7.72 -4.75 -9.40
N SER A 239 6.97 -4.21 -8.45
CA SER A 239 6.04 -3.15 -8.78
C SER A 239 6.18 -2.00 -7.79
N LEU A 240 5.73 -0.83 -8.24
CA LEU A 240 5.76 0.42 -7.49
C LEU A 240 4.33 1.01 -7.48
N THR A 241 3.83 1.38 -6.33
CA THR A 241 2.47 1.91 -6.23
C THR A 241 2.41 3.45 -6.44
N ALA A 242 1.24 3.96 -6.82
CA ALA A 242 1.00 5.39 -7.00
C ALA A 242 0.86 6.05 -5.63
N ASN A 243 1.19 7.35 -5.52
CA ASN A 243 1.08 8.03 -4.21
C ASN A 243 0.93 9.55 -4.35
N PRO A 244 0.32 10.25 -3.35
CA PRO A 244 0.27 11.73 -3.42
C PRO A 244 1.59 12.34 -2.95
N SER A 245 1.67 13.68 -2.83
CA SER A 245 2.86 14.34 -2.31
C SER A 245 2.89 14.23 -0.80
N HIS A 246 1.74 13.86 -0.20
CA HIS A 246 1.55 13.65 1.23
C HIS A 246 2.43 12.48 1.67
N LEU A 247 3.52 12.83 2.33
CA LEU A 247 4.52 11.89 2.81
C LEU A 247 3.89 10.89 3.81
N GLU A 248 4.13 9.58 3.56
CA GLU A 248 3.70 8.45 4.38
C GLU A 248 2.22 8.08 4.22
N ALA A 249 1.39 8.89 3.51
CA ALA A 249 -0.03 8.59 3.33
C ALA A 249 -0.24 7.24 2.64
N VAL A 250 0.67 6.88 1.70
CA VAL A 250 0.67 5.63 0.94
C VAL A 250 1.00 4.39 1.80
N ASP A 251 1.59 4.56 3.01
CA ASP A 251 2.02 3.44 3.85
C ASP A 251 0.93 2.37 4.08
N PRO A 252 -0.30 2.71 4.55
CA PRO A 252 -1.33 1.64 4.71
C PRO A 252 -1.87 1.13 3.38
N VAL A 253 -1.90 1.99 2.34
CA VAL A 253 -2.36 1.69 0.99
C VAL A 253 -1.50 0.54 0.42
N LEU A 254 -0.18 0.63 0.59
CA LEU A 254 0.76 -0.40 0.16
C LEU A 254 0.44 -1.73 0.83
N GLU A 255 0.20 -1.69 2.14
CA GLU A 255 -0.10 -2.87 2.96
C GLU A 255 -1.36 -3.59 2.50
N GLY A 256 -2.42 -2.84 2.22
CA GLY A 256 -3.68 -3.39 1.75
C GLY A 256 -3.56 -4.01 0.37
N LEU A 257 -2.76 -3.37 -0.49
CA LEU A 257 -2.49 -3.77 -1.86
C LEU A 257 -1.76 -5.11 -1.86
N VAL A 258 -0.78 -5.26 -0.96
CA VAL A 258 0.04 -6.46 -0.83
C VAL A 258 -0.80 -7.60 -0.26
N ARG A 259 -1.61 -7.31 0.79
CA ARG A 259 -2.50 -8.32 1.40
C ARG A 259 -3.51 -8.86 0.34
N ALA A 260 -4.13 -7.98 -0.47
CA ALA A 260 -5.04 -8.36 -1.56
C ALA A 260 -4.35 -9.29 -2.57
N LYS A 261 -3.07 -8.98 -2.91
CA LYS A 261 -2.24 -9.80 -3.80
C LYS A 261 -1.95 -11.15 -3.15
N GLN A 262 -1.63 -11.15 -1.83
CA GLN A 262 -1.32 -12.37 -1.07
C GLN A 262 -2.52 -13.28 -1.02
N ASP A 263 -3.72 -12.71 -0.78
CA ASP A 263 -4.98 -13.46 -0.73
C ASP A 263 -5.23 -14.06 -2.11
N LEU A 264 -4.92 -13.34 -3.19
CA LEU A 264 -5.10 -13.83 -4.55
C LEU A 264 -4.18 -15.02 -4.86
N LEU A 265 -2.95 -15.00 -4.34
CA LEU A 265 -1.93 -16.04 -4.59
C LEU A 265 -2.04 -17.20 -3.61
N ASP A 266 -3.05 -17.17 -2.73
CA ASP A 266 -3.29 -18.20 -1.72
C ASP A 266 -2.01 -18.31 -0.84
N THR A 267 -1.45 -17.15 -0.44
CA THR A 267 -0.24 -17.09 0.41
C THR A 267 -0.53 -16.26 1.66
N GLY A 268 0.06 -16.66 2.77
CA GLY A 268 -0.10 -15.95 4.04
C GLY A 268 -1.31 -16.34 4.86
N GLU A 269 -1.82 -15.37 5.65
CA GLU A 269 -2.92 -15.46 6.61
C GLU A 269 -4.20 -16.14 6.06
N GLU A 270 -4.59 -15.83 4.80
CA GLU A 270 -5.79 -16.37 4.17
C GLU A 270 -5.43 -17.34 3.00
N GLY A 271 -4.22 -17.90 3.05
CA GLY A 271 -3.70 -18.82 2.05
C GLY A 271 -3.29 -20.17 2.59
N SER A 272 -3.02 -21.12 1.68
CA SER A 272 -2.62 -22.50 2.01
C SER A 272 -1.15 -22.62 2.45
N ASP A 273 -0.34 -21.56 2.25
CA ASP A 273 1.05 -21.58 2.69
C ASP A 273 1.34 -20.38 3.60
N ASN A 274 2.38 -20.50 4.44
CA ASN A 274 2.78 -19.44 5.37
C ASN A 274 3.98 -18.66 4.77
N ARG A 275 4.02 -18.54 3.42
CA ARG A 275 5.16 -17.91 2.71
C ARG A 275 5.07 -16.42 2.62
N PHE A 276 3.82 -15.83 2.50
CA PHE A 276 3.61 -14.37 2.33
C PHE A 276 4.52 -13.86 1.17
N SER A 277 4.47 -14.58 0.06
CA SER A 277 5.31 -14.44 -1.13
C SER A 277 5.16 -13.09 -1.91
N VAL A 278 4.37 -12.15 -1.41
CA VAL A 278 4.27 -10.77 -1.92
C VAL A 278 4.88 -9.91 -0.79
N VAL A 279 6.01 -9.22 -1.08
CA VAL A 279 6.77 -8.49 -0.05
C VAL A 279 6.60 -6.98 -0.14
N PRO A 280 6.16 -6.31 0.95
CA PRO A 280 6.12 -4.85 0.92
C PRO A 280 7.52 -4.26 1.21
N LEU A 281 7.98 -3.40 0.32
CA LEU A 281 9.23 -2.65 0.48
C LEU A 281 8.85 -1.18 0.56
N MET A 282 8.89 -0.65 1.76
CA MET A 282 8.44 0.72 2.05
C MET A 282 9.61 1.67 2.29
N LEU A 283 9.76 2.70 1.45
CA LEU A 283 10.82 3.70 1.59
C LEU A 283 10.27 4.93 2.29
N HIS A 284 11.14 5.61 3.04
CA HIS A 284 10.74 6.77 3.81
C HIS A 284 11.82 7.83 3.83
N GLY A 285 11.43 9.04 4.23
CA GLY A 285 12.31 10.17 4.57
C GLY A 285 12.43 10.16 6.09
N ASP A 286 13.51 10.70 6.66
CA ASP A 286 13.77 10.71 8.10
C ASP A 286 12.85 11.64 8.90
N ALA A 287 12.51 12.84 8.37
CA ALA A 287 11.61 13.77 9.09
C ALA A 287 10.16 13.27 9.08
N ALA A 288 9.67 12.76 7.92
CA ALA A 288 8.32 12.22 7.75
C ALA A 288 8.13 10.94 8.55
N PHE A 289 9.13 10.01 8.58
CA PHE A 289 9.00 8.75 9.32
C PHE A 289 8.78 8.97 10.82
N ALA A 290 9.37 10.05 11.39
CA ALA A 290 9.22 10.42 12.81
C ALA A 290 7.95 11.28 13.09
N GLY A 291 7.56 12.17 12.17
CA GLY A 291 6.44 13.07 12.41
C GLY A 291 5.03 12.65 12.03
N GLN A 292 4.88 11.73 11.06
CA GLN A 292 3.59 11.31 10.53
C GLN A 292 3.01 10.14 11.32
N GLY A 293 1.83 10.36 11.91
CA GLY A 293 1.10 9.40 12.76
C GLY A 293 0.65 8.13 12.06
N VAL A 294 0.42 8.20 10.75
CA VAL A 294 0.04 7.04 9.94
C VAL A 294 1.15 5.92 9.97
N VAL A 295 2.39 6.29 10.27
CA VAL A 295 3.52 5.36 10.39
C VAL A 295 3.24 4.43 11.56
N ALA A 296 2.91 4.99 12.74
CA ALA A 296 2.56 4.19 13.94
C ALA A 296 1.36 3.30 13.68
N GLU A 297 0.35 3.86 13.03
CA GLU A 297 -0.93 3.23 12.67
C GLU A 297 -0.78 2.06 11.72
N THR A 298 0.22 2.14 10.83
CA THR A 298 0.48 1.09 9.85
C THR A 298 1.32 0.00 10.53
N LEU A 299 2.33 0.37 11.35
CA LEU A 299 3.14 -0.57 12.13
C LEU A 299 2.23 -1.39 13.03
N ASN A 300 1.17 -0.77 13.57
CA ASN A 300 0.17 -1.41 14.41
C ASN A 300 -0.63 -2.51 13.67
N LEU A 301 -0.67 -2.45 12.31
CA LEU A 301 -1.38 -3.46 11.48
C LEU A 301 -0.54 -4.72 11.23
N ALA A 302 0.80 -4.62 11.35
CA ALA A 302 1.81 -5.62 10.98
C ALA A 302 1.52 -7.08 11.43
N LEU A 303 0.95 -7.29 12.62
CA LEU A 303 0.73 -8.69 13.06
C LEU A 303 -0.74 -9.04 13.22
N LEU A 304 -1.67 -8.14 12.84
CA LEU A 304 -3.12 -8.36 12.94
C LEU A 304 -3.64 -9.39 11.91
N ARG A 305 -4.56 -10.33 12.30
CA ARG A 305 -5.11 -11.32 11.35
C ARG A 305 -5.63 -10.68 10.07
N GLY A 306 -6.41 -9.62 10.21
CA GLY A 306 -7.07 -8.99 9.07
C GLY A 306 -6.23 -8.06 8.21
N TYR A 307 -4.98 -7.71 8.65
CA TYR A 307 -4.10 -6.73 8.01
C TYR A 307 -2.63 -7.15 7.78
N ARG A 308 -2.13 -8.20 8.48
CA ARG A 308 -0.74 -8.65 8.33
C ARG A 308 -0.40 -9.04 6.87
N THR A 309 0.85 -8.76 6.48
CA THR A 309 1.41 -9.02 5.15
C THR A 309 2.70 -9.83 5.28
N GLY A 310 2.92 -10.41 6.46
CA GLY A 310 4.10 -11.21 6.76
C GLY A 310 5.36 -10.41 7.01
N GLY A 311 5.21 -9.11 7.30
CA GLY A 311 6.33 -8.23 7.59
C GLY A 311 6.77 -7.36 6.43
N THR A 312 7.02 -6.10 6.72
CA THR A 312 7.45 -5.12 5.75
C THR A 312 8.92 -4.82 5.93
N ILE A 313 9.62 -4.64 4.81
CA ILE A 313 11.02 -4.22 4.81
C ILE A 313 10.95 -2.71 4.69
N HIS A 314 11.44 -1.99 5.69
CA HIS A 314 11.41 -0.53 5.63
C HIS A 314 12.80 0.03 5.36
N ILE A 315 12.89 1.04 4.46
CA ILE A 315 14.14 1.76 4.22
C ILE A 315 13.93 3.24 4.46
N VAL A 316 14.67 3.77 5.44
CA VAL A 316 14.68 5.20 5.68
C VAL A 316 15.96 5.74 5.05
N VAL A 317 15.76 6.65 4.10
CA VAL A 317 16.84 7.35 3.41
C VAL A 317 17.06 8.51 4.33
N ASN A 318 17.98 8.32 5.29
CA ASN A 318 18.20 9.27 6.34
C ASN A 318 19.34 10.25 5.99
N ASN A 319 18.99 11.31 5.24
CA ASN A 319 19.87 12.38 4.82
C ASN A 319 20.04 13.46 5.89
N GLN A 320 19.55 13.18 7.13
CA GLN A 320 19.75 13.94 8.37
C GLN A 320 19.27 15.40 8.27
N ILE A 321 18.23 15.64 7.46
CA ILE A 321 17.64 16.95 7.21
C ILE A 321 16.23 16.76 6.67
N GLY A 322 15.37 17.75 6.95
CA GLY A 322 13.99 17.79 6.48
C GLY A 322 13.75 19.14 5.88
N PHE A 323 13.96 19.27 4.56
CA PHE A 323 13.89 20.55 3.84
C PHE A 323 15.00 21.50 4.46
N THR A 324 14.68 22.31 5.47
CA THR A 324 15.65 23.19 6.16
C THR A 324 15.82 22.81 7.63
N THR A 325 14.95 21.90 8.13
CA THR A 325 14.85 21.51 9.53
C THR A 325 15.85 20.41 9.92
N ALA A 326 16.52 20.64 11.04
CA ALA A 326 17.50 19.77 11.68
C ALA A 326 16.78 18.69 12.47
N PRO A 327 17.36 17.45 12.55
CA PRO A 327 16.70 16.38 13.33
C PRO A 327 16.26 16.76 14.75
N THR A 328 16.96 17.71 15.42
CA THR A 328 16.59 18.10 16.79
C THR A 328 15.26 18.84 16.83
N ASP A 329 14.77 19.36 15.69
CA ASP A 329 13.44 20.00 15.67
C ASP A 329 12.35 19.06 15.12
N SER A 330 12.74 17.89 14.58
CA SER A 330 11.86 16.95 13.91
C SER A 330 11.49 15.74 14.76
N ARG A 331 12.32 15.42 15.78
CA ARG A 331 12.01 14.25 16.60
C ARG A 331 12.51 14.41 18.00
N SER A 332 11.96 13.61 18.95
CA SER A 332 12.30 13.62 20.38
C SER A 332 13.02 12.35 20.82
N SER A 333 13.62 11.64 19.87
CA SER A 333 14.29 10.37 20.10
C SER A 333 15.60 10.36 19.37
N GLU A 334 16.51 9.46 19.77
CA GLU A 334 17.83 9.32 19.21
C GLU A 334 17.80 9.11 17.69
N TYR A 335 16.90 8.24 17.23
CA TYR A 335 16.74 7.88 15.82
C TYR A 335 15.35 8.18 15.25
N CYS A 336 15.30 8.43 13.93
CA CYS A 336 14.05 8.71 13.21
C CYS A 336 13.14 7.47 13.15
N THR A 337 13.73 6.28 13.39
CA THR A 337 13.13 4.95 13.34
C THR A 337 12.62 4.41 14.70
N ASP A 338 12.77 5.16 15.79
CA ASP A 338 12.40 4.69 17.12
C ASP A 338 10.91 4.27 17.25
N VAL A 339 10.00 4.82 16.41
CA VAL A 339 8.60 4.38 16.32
C VAL A 339 8.52 2.85 16.02
N ALA A 340 9.51 2.27 15.32
CA ALA A 340 9.49 0.85 15.01
C ALA A 340 9.60 -0.06 16.26
N LYS A 341 10.12 0.48 17.38
CA LYS A 341 10.25 -0.23 18.67
C LYS A 341 8.88 -0.56 19.26
N MET A 342 7.83 0.13 18.79
CA MET A 342 6.41 -0.05 19.08
C MET A 342 5.98 -1.51 18.86
N ILE A 343 6.44 -2.14 17.77
CA ILE A 343 6.04 -3.52 17.47
C ILE A 343 7.24 -4.51 17.64
N GLY A 344 8.33 -4.04 18.25
CA GLY A 344 9.51 -4.87 18.49
C GLY A 344 10.23 -5.28 17.22
N ALA A 345 10.30 -4.37 16.24
CA ALA A 345 11.00 -4.61 14.99
C ALA A 345 12.49 -4.40 15.21
N PRO A 346 13.35 -5.25 14.64
CA PRO A 346 14.79 -4.98 14.74
C PRO A 346 15.13 -3.74 13.89
N ILE A 347 16.06 -2.90 14.35
CA ILE A 347 16.47 -1.73 13.56
C ILE A 347 17.99 -1.80 13.28
N PHE A 348 18.34 -1.56 12.01
CA PHE A 348 19.73 -1.54 11.56
C PHE A 348 20.09 -0.18 11.03
N HIS A 349 21.02 0.51 11.71
CA HIS A 349 21.50 1.82 11.27
C HIS A 349 22.72 1.54 10.43
N VAL A 350 22.75 2.00 9.19
CA VAL A 350 23.87 1.65 8.32
C VAL A 350 24.43 2.88 7.57
N ASN A 351 25.77 2.97 7.56
CA ASN A 351 26.53 4.01 6.91
C ASN A 351 26.38 3.91 5.40
N GLY A 352 25.77 4.94 4.81
CA GLY A 352 25.53 5.06 3.37
C GLY A 352 26.77 5.08 2.49
N ASP A 353 27.96 5.28 3.10
CA ASP A 353 29.24 5.28 2.40
C ASP A 353 29.81 3.88 2.28
N ASP A 354 29.18 2.91 2.97
CA ASP A 354 29.60 1.51 2.90
C ASP A 354 28.50 0.71 2.16
N PRO A 355 28.58 0.63 0.80
CA PRO A 355 27.55 -0.12 0.04
C PRO A 355 27.50 -1.63 0.33
N GLU A 356 28.65 -2.22 0.72
CA GLU A 356 28.74 -3.65 1.08
C GLU A 356 27.95 -3.89 2.36
N ALA A 357 28.16 -3.08 3.41
CA ALA A 357 27.40 -3.17 4.67
C ALA A 357 25.90 -2.90 4.41
N CYS A 358 25.59 -1.98 3.47
CA CYS A 358 24.22 -1.64 3.08
C CYS A 358 23.49 -2.84 2.43
N ALA A 359 24.16 -3.54 1.50
CA ALA A 359 23.67 -4.74 0.81
C ALA A 359 23.54 -5.91 1.78
N TRP A 360 24.53 -6.10 2.68
CA TRP A 360 24.53 -7.17 3.67
C TRP A 360 23.35 -7.05 4.65
N VAL A 361 23.08 -5.83 5.16
CA VAL A 361 21.97 -5.52 6.08
C VAL A 361 20.61 -5.79 5.36
N ALA A 362 20.54 -5.43 4.06
CA ALA A 362 19.37 -5.64 3.21
C ALA A 362 19.02 -7.12 3.12
N ARG A 363 20.02 -7.99 2.97
CA ARG A 363 19.82 -9.44 2.87
C ARG A 363 19.44 -10.04 4.22
N LEU A 364 20.07 -9.57 5.31
CA LEU A 364 19.75 -10.02 6.67
C LEU A 364 18.28 -9.71 6.97
N ALA A 365 17.83 -8.47 6.67
CA ALA A 365 16.47 -7.97 6.84
C ALA A 365 15.43 -8.90 6.18
N VAL A 366 15.66 -9.32 4.91
CA VAL A 366 14.77 -10.21 4.18
C VAL A 366 14.76 -11.59 4.87
N ASP A 367 15.91 -12.04 5.38
CA ASP A 367 15.97 -13.34 6.02
C ASP A 367 15.19 -13.34 7.35
N PHE A 368 15.25 -12.22 8.13
CA PHE A 368 14.51 -12.04 9.38
C PHE A 368 13.02 -12.02 9.06
N ARG A 369 12.60 -11.20 8.09
CA ARG A 369 11.20 -11.13 7.66
C ARG A 369 10.68 -12.52 7.26
N GLN A 370 11.53 -13.35 6.62
CA GLN A 370 11.12 -14.69 6.22
C GLN A 370 11.02 -15.61 7.40
N ALA A 371 11.98 -15.51 8.34
CA ALA A 371 11.99 -16.37 9.52
C ALA A 371 10.91 -16.00 10.51
N PHE A 372 10.57 -14.72 10.70
CA PHE A 372 9.66 -14.37 11.78
C PHE A 372 8.38 -13.63 11.37
N LYS A 373 8.18 -13.38 10.06
CA LYS A 373 6.98 -12.77 9.49
C LYS A 373 6.64 -11.43 10.17
N LYS A 374 7.68 -10.63 10.39
CA LYS A 374 7.60 -9.37 11.09
C LYS A 374 8.51 -8.35 10.41
N ASP A 375 8.15 -7.05 10.50
CA ASP A 375 8.88 -5.88 9.98
C ASP A 375 10.34 -5.80 10.45
N VAL A 376 11.18 -5.24 9.59
CA VAL A 376 12.59 -4.95 9.83
C VAL A 376 12.79 -3.54 9.34
N VAL A 377 13.50 -2.70 10.12
CA VAL A 377 13.74 -1.33 9.74
C VAL A 377 15.24 -1.12 9.50
N ILE A 378 15.56 -0.59 8.30
CA ILE A 378 16.89 -0.20 7.84
C ILE A 378 16.94 1.33 7.77
N ASP A 379 17.78 1.90 8.61
CA ASP A 379 18.06 3.31 8.69
C ASP A 379 19.35 3.56 7.95
N MET A 380 19.29 3.93 6.65
CA MET A 380 20.48 4.24 5.85
C MET A 380 20.89 5.71 6.03
N LEU A 381 21.99 5.92 6.76
CA LEU A 381 22.47 7.28 7.01
C LEU A 381 23.24 7.81 5.83
N CYS A 382 22.80 8.94 5.32
CA CYS A 382 23.38 9.53 4.13
C CYS A 382 23.30 11.05 4.22
N TYR A 383 23.40 11.74 3.08
CA TYR A 383 23.28 13.19 3.03
C TYR A 383 22.50 13.60 1.78
N ARG A 384 22.11 14.88 1.74
CA ARG A 384 21.42 15.50 0.63
C ARG A 384 22.41 16.51 0.01
N ARG A 385 23.12 16.09 -1.03
CA ARG A 385 24.18 16.88 -1.66
C ARG A 385 23.75 18.30 -2.04
N ARG A 386 22.54 18.47 -2.56
CA ARG A 386 21.98 19.76 -3.01
C ARG A 386 21.06 20.35 -1.95
N GLY A 387 20.51 21.52 -2.23
CA GLY A 387 19.47 22.14 -1.42
C GLY A 387 18.20 21.35 -1.66
N HIS A 388 17.10 21.67 -0.93
CA HIS A 388 15.85 20.92 -1.09
C HIS A 388 15.22 21.13 -2.49
N ASN A 389 15.44 22.28 -3.14
CA ASN A 389 14.89 22.58 -4.47
C ASN A 389 15.75 23.61 -5.21
N GLU A 390 15.55 23.75 -6.55
CA GLU A 390 16.30 24.68 -7.40
C GLU A 390 16.07 26.09 -6.88
N GLY A 391 17.16 26.76 -6.52
CA GLY A 391 17.12 28.10 -5.94
C GLY A 391 17.08 28.08 -4.42
N ASP A 392 17.80 27.12 -3.82
CA ASP A 392 17.98 26.98 -2.36
C ASP A 392 19.46 26.83 -2.08
N ASP A 393 20.02 27.77 -1.30
CA ASP A 393 21.40 27.69 -0.83
C ASP A 393 21.26 27.10 0.58
N PRO A 394 21.41 25.75 0.71
CA PRO A 394 21.13 25.09 2.00
C PRO A 394 22.09 25.48 3.14
N SER A 395 23.14 26.27 2.83
CA SER A 395 24.08 26.75 3.84
C SER A 395 23.47 27.98 4.56
N MET A 396 22.32 28.54 4.07
CA MET A 396 21.62 29.66 4.72
C MET A 396 21.10 29.22 6.08
N THR A 397 20.54 27.99 6.17
CA THR A 397 19.95 27.43 7.41
C THR A 397 20.85 26.36 8.04
N GLN A 398 21.69 25.66 7.26
CA GLN A 398 22.60 24.63 7.81
C GLN A 398 24.03 24.83 7.27
N PRO A 399 24.76 25.92 7.67
CA PRO A 399 26.10 26.15 7.10
C PRO A 399 27.15 25.08 7.45
N TYR A 400 27.11 24.52 8.68
CA TYR A 400 28.06 23.52 9.15
C TYR A 400 27.92 22.23 8.34
N MET A 401 26.67 21.74 8.19
CA MET A 401 26.40 20.53 7.41
C MET A 401 26.90 20.67 5.96
N TYR A 402 26.59 21.80 5.31
CA TYR A 402 26.94 21.98 3.91
C TYR A 402 28.40 22.36 3.71
N ASP A 403 29.11 22.83 4.76
CA ASP A 403 30.57 23.02 4.60
C ASP A 403 31.26 21.63 4.60
N VAL A 404 30.68 20.66 5.33
CA VAL A 404 31.16 19.29 5.41
C VAL A 404 30.83 18.57 4.08
N ILE A 405 29.56 18.65 3.61
CA ILE A 405 29.07 18.04 2.36
C ILE A 405 29.90 18.50 1.14
N ASP A 406 30.27 19.80 1.09
CA ASP A 406 31.00 20.40 -0.04
C ASP A 406 32.40 19.77 -0.28
N THR A 407 32.90 19.02 0.72
CA THR A 407 34.22 18.38 0.70
C THR A 407 34.13 16.86 0.56
N LYS A 408 32.90 16.32 0.58
CA LYS A 408 32.64 14.89 0.48
C LYS A 408 32.80 14.37 -0.93
N ARG A 409 33.54 13.26 -1.11
CA ARG A 409 33.61 12.67 -2.45
C ARG A 409 32.40 11.73 -2.61
N GLY A 410 31.94 11.57 -3.86
CA GLY A 410 30.80 10.71 -4.20
C GLY A 410 30.99 9.26 -3.76
N SER A 411 29.90 8.56 -3.46
CA SER A 411 29.94 7.18 -2.94
C SER A 411 30.54 6.19 -3.96
N ARG A 412 30.27 6.40 -5.28
CA ARG A 412 30.82 5.57 -6.37
C ARG A 412 32.34 5.69 -6.40
N LYS A 413 32.88 6.94 -6.47
CA LYS A 413 34.33 7.15 -6.54
C LYS A 413 35.01 6.70 -5.25
N ALA A 414 34.36 6.89 -4.09
CA ALA A 414 34.88 6.46 -2.78
C ALA A 414 34.97 4.93 -2.72
N TYR A 415 33.92 4.23 -3.20
CA TYR A 415 33.89 2.77 -3.25
C TYR A 415 34.93 2.24 -4.24
N THR A 416 35.07 2.86 -5.43
CA THR A 416 36.12 2.50 -6.39
C THR A 416 37.51 2.66 -5.73
N GLU A 417 37.73 3.76 -4.98
CA GLU A 417 38.97 4.08 -4.24
C GLU A 417 39.25 3.06 -3.14
N ALA A 418 38.19 2.57 -2.50
CA ALA A 418 38.28 1.58 -1.43
C ALA A 418 38.73 0.20 -1.98
N LEU A 419 38.15 -0.22 -3.12
CA LEU A 419 38.42 -1.53 -3.73
C LEU A 419 39.85 -1.61 -4.22
N ILE A 420 40.42 -0.49 -4.75
CA ILE A 420 41.81 -0.39 -5.20
C ILE A 420 42.72 -0.47 -3.96
N GLY A 421 42.43 0.36 -2.97
CA GLY A 421 43.14 0.42 -1.70
C GLY A 421 43.25 -0.93 -1.01
N ARG A 422 42.11 -1.63 -0.88
CA ARG A 422 42.07 -2.97 -0.29
C ARG A 422 42.68 -4.05 -1.20
N GLY A 423 43.02 -3.68 -2.44
CA GLY A 423 43.59 -4.58 -3.44
C GLY A 423 42.61 -5.59 -4.02
N ASP A 424 41.30 -5.36 -3.80
CA ASP A 424 40.19 -6.22 -4.25
C ASP A 424 40.07 -6.23 -5.77
N ILE A 425 40.27 -5.06 -6.41
CA ILE A 425 40.24 -4.88 -7.87
C ILE A 425 41.60 -4.32 -8.37
N SER A 426 41.98 -4.63 -9.61
CA SER A 426 43.23 -4.12 -10.16
C SER A 426 43.00 -2.70 -10.74
N MET A 427 44.07 -2.04 -11.24
CA MET A 427 43.98 -0.71 -11.85
C MET A 427 43.26 -0.82 -13.20
N LYS A 428 43.47 -1.95 -13.91
CA LYS A 428 42.80 -2.27 -15.18
C LYS A 428 41.29 -2.40 -14.92
N GLU A 429 40.93 -3.09 -13.82
CA GLU A 429 39.55 -3.32 -13.39
C GLU A 429 38.88 -1.99 -12.99
N ALA A 430 39.66 -1.07 -12.37
CA ALA A 430 39.16 0.24 -12.00
C ALA A 430 38.84 1.06 -13.25
N GLU A 431 39.71 0.96 -14.28
CA GLU A 431 39.54 1.60 -15.57
C GLU A 431 38.33 1.00 -16.27
N ASP A 432 38.17 -0.35 -16.20
CA ASP A 432 36.99 -1.08 -16.69
C ASP A 432 35.72 -0.50 -16.04
N ALA A 433 35.76 -0.26 -14.71
CA ALA A 433 34.63 0.30 -13.94
C ALA A 433 34.34 1.76 -14.34
N LEU A 434 35.39 2.54 -14.64
CA LEU A 434 35.29 3.94 -15.07
C LEU A 434 34.77 4.03 -16.52
N ARG A 435 35.13 3.03 -17.34
CA ARG A 435 34.69 2.90 -18.71
C ARG A 435 33.20 2.60 -18.73
N ASP A 436 32.77 1.71 -17.80
CA ASP A 436 31.39 1.27 -17.65
C ASP A 436 30.52 2.45 -17.27
N TYR A 437 30.99 3.29 -16.31
CA TYR A 437 30.28 4.47 -15.84
C TYR A 437 29.98 5.43 -16.99
N GLN A 438 31.00 5.74 -17.81
CA GLN A 438 30.89 6.62 -18.98
C GLN A 438 29.89 6.02 -19.98
N GLY A 439 29.91 4.70 -20.13
CA GLY A 439 28.96 3.95 -20.96
C GLY A 439 27.53 4.02 -20.42
N GLN A 440 27.35 4.13 -19.08
CA GLN A 440 26.02 4.25 -18.44
C GLN A 440 25.45 5.63 -18.68
N LEU A 441 26.34 6.64 -18.63
CA LEU A 441 26.04 8.05 -18.82
C LEU A 441 25.67 8.26 -20.30
N GLU A 442 26.47 7.71 -21.23
CA GLU A 442 26.22 7.76 -22.67
C GLU A 442 24.93 7.01 -23.03
N ALA A 443 24.63 5.91 -22.32
CA ALA A 443 23.42 5.09 -22.52
C ALA A 443 22.13 5.91 -22.34
N VAL A 444 21.99 6.60 -21.20
CA VAL A 444 20.80 7.40 -20.89
C VAL A 444 20.78 8.71 -21.76
N PHE A 445 21.93 9.37 -22.00
CA PHE A 445 21.98 10.57 -22.85
C PHE A 445 21.58 10.24 -24.32
N ASN A 446 22.04 9.08 -24.88
CA ASN A 446 21.72 8.63 -26.25
C ASN A 446 20.23 8.25 -26.45
N GLU A 447 19.66 7.37 -25.58
CA GLU A 447 18.27 6.89 -25.69
C GLU A 447 17.25 8.03 -25.67
N VAL A 448 17.47 9.02 -24.79
CA VAL A 448 16.57 10.17 -24.61
C VAL A 448 16.74 11.13 -25.80
N ARG A 449 17.96 11.24 -26.38
CA ARG A 449 18.28 12.07 -27.55
C ARG A 449 17.50 11.55 -28.76
N GLU A 450 17.47 10.21 -28.92
CA GLU A 450 16.76 9.46 -29.97
C GLU A 450 15.22 9.53 -29.79
N LEU A 451 14.76 10.05 -28.62
CA LEU A 451 13.34 10.20 -28.28
C LEU A 451 12.89 11.66 -28.58
N GLU A 452 13.17 12.14 -29.80
CA GLU A 452 12.79 13.48 -30.27
C GLU A 452 11.34 13.48 -30.75
N ILE A 468 -16.71 0.64 -18.90
CA ILE A 468 -18.01 0.44 -19.54
C ILE A 468 -18.94 -0.40 -18.64
N PRO A 469 -20.20 0.03 -18.39
CA PRO A 469 -21.09 -0.75 -17.50
C PRO A 469 -21.57 -2.06 -18.11
N SER A 470 -21.60 -3.12 -17.27
CA SER A 470 -22.06 -4.46 -17.66
C SER A 470 -23.56 -4.60 -17.34
N LYS A 471 -24.37 -4.94 -18.37
CA LYS A 471 -25.82 -5.09 -18.24
C LYS A 471 -26.17 -6.42 -17.52
N LEU A 472 -26.05 -6.40 -16.19
CA LEU A 472 -26.33 -7.56 -15.32
C LEU A 472 -27.50 -7.28 -14.37
N ALA A 473 -28.30 -8.32 -14.09
CA ALA A 473 -29.42 -8.25 -13.16
C ALA A 473 -28.92 -8.40 -11.72
N THR A 474 -29.28 -7.43 -10.86
CA THR A 474 -28.92 -7.39 -9.44
C THR A 474 -29.92 -8.21 -8.60
N ALA A 475 -31.08 -8.54 -9.17
CA ALA A 475 -32.11 -9.36 -8.54
C ALA A 475 -31.65 -10.82 -8.44
N VAL A 476 -32.12 -11.53 -7.41
CA VAL A 476 -31.80 -12.95 -7.13
C VAL A 476 -33.10 -13.72 -7.07
N ASP A 477 -33.07 -15.07 -7.09
CA ASP A 477 -34.33 -15.81 -6.96
C ASP A 477 -34.66 -16.02 -5.46
N LYS A 478 -35.92 -16.42 -5.16
CA LYS A 478 -36.42 -16.69 -3.80
C LYS A 478 -35.58 -17.79 -3.12
N ALA A 479 -35.01 -18.73 -3.91
CA ALA A 479 -34.18 -19.85 -3.45
C ALA A 479 -32.90 -19.32 -2.82
N MET A 480 -32.30 -18.26 -3.43
CA MET A 480 -31.10 -17.58 -2.94
C MET A 480 -31.37 -16.93 -1.58
N LEU A 481 -32.48 -16.16 -1.46
CA LEU A 481 -32.86 -15.49 -0.21
C LEU A 481 -33.06 -16.51 0.90
N GLN A 482 -33.66 -17.66 0.57
CA GLN A 482 -33.93 -18.76 1.48
C GLN A 482 -32.63 -19.43 1.94
N ARG A 483 -31.70 -19.68 1.00
CA ARG A 483 -30.39 -20.29 1.26
C ARG A 483 -29.58 -19.46 2.27
N ILE A 484 -29.63 -18.12 2.15
CA ILE A 484 -28.90 -17.19 3.04
C ILE A 484 -29.54 -17.20 4.45
N GLY A 485 -30.88 -17.25 4.53
CA GLY A 485 -31.62 -17.36 5.78
C GLY A 485 -31.39 -18.68 6.48
N ASP A 486 -31.31 -19.78 5.70
CA ASP A 486 -31.06 -21.15 6.19
C ASP A 486 -29.62 -21.31 6.70
N ALA A 487 -28.67 -20.52 6.15
CA ALA A 487 -27.25 -20.52 6.50
C ALA A 487 -27.03 -20.01 7.92
N HIS A 488 -27.92 -19.12 8.40
CA HIS A 488 -27.88 -18.58 9.76
C HIS A 488 -28.27 -19.64 10.80
N LEU A 489 -29.02 -20.67 10.38
CA LEU A 489 -29.44 -21.75 11.25
C LEU A 489 -28.63 -23.04 11.01
N ALA A 490 -27.87 -23.11 9.91
CA ALA A 490 -27.02 -24.26 9.59
C ALA A 490 -25.71 -24.17 10.40
N LEU A 491 -25.85 -24.31 11.73
CA LEU A 491 -24.80 -24.19 12.73
C LEU A 491 -23.86 -25.40 12.80
N PRO A 492 -22.56 -25.20 13.17
CA PRO A 492 -21.64 -26.34 13.29
C PRO A 492 -22.06 -27.30 14.39
N GLU A 493 -21.65 -28.57 14.29
CA GLU A 493 -21.97 -29.63 15.23
C GLU A 493 -21.45 -29.28 16.64
N GLY A 494 -22.37 -29.31 17.62
CA GLY A 494 -22.07 -29.02 19.02
C GLY A 494 -21.80 -27.56 19.35
N PHE A 495 -22.22 -26.64 18.47
CA PHE A 495 -22.07 -25.20 18.64
C PHE A 495 -23.15 -24.71 19.59
N THR A 496 -22.77 -23.78 20.48
CA THR A 496 -23.68 -23.18 21.45
C THR A 496 -23.81 -21.71 21.09
N VAL A 497 -25.01 -21.28 20.74
CA VAL A 497 -25.28 -19.89 20.37
C VAL A 497 -25.70 -19.15 21.64
N HIS A 498 -25.25 -17.90 21.80
CA HIS A 498 -25.63 -17.03 22.91
C HIS A 498 -27.17 -16.90 22.89
N PRO A 499 -27.85 -16.97 24.05
CA PRO A 499 -29.31 -16.88 24.06
C PRO A 499 -29.90 -15.64 23.36
N ARG A 500 -29.18 -14.50 23.32
CA ARG A 500 -29.66 -13.27 22.69
C ARG A 500 -29.38 -13.25 21.17
N VAL A 501 -28.50 -14.14 20.68
CA VAL A 501 -28.09 -14.19 19.26
C VAL A 501 -28.98 -15.20 18.49
N ARG A 502 -29.50 -16.24 19.18
CA ARG A 502 -30.40 -17.27 18.62
C ARG A 502 -31.66 -16.61 17.95
N PRO A 503 -32.42 -15.66 18.59
CA PRO A 503 -33.59 -15.07 17.88
C PRO A 503 -33.23 -14.34 16.59
N VAL A 504 -32.02 -13.76 16.50
CA VAL A 504 -31.55 -13.05 15.30
C VAL A 504 -31.43 -14.07 14.17
N LEU A 505 -30.82 -15.24 14.45
CA LEU A 505 -30.63 -16.30 13.47
C LEU A 505 -31.99 -16.80 12.96
N GLU A 506 -32.91 -17.08 13.88
CA GLU A 506 -34.25 -17.57 13.55
C GLU A 506 -35.08 -16.50 12.81
N LYS A 507 -34.96 -15.21 13.18
CA LYS A 507 -35.70 -14.12 12.52
C LYS A 507 -35.24 -13.93 11.06
N ARG A 508 -33.96 -14.26 10.78
CA ARG A 508 -33.39 -14.15 9.44
C ARG A 508 -33.90 -15.29 8.54
N ARG A 509 -34.16 -16.50 9.11
CA ARG A 509 -34.76 -17.60 8.34
C ARG A 509 -36.23 -17.25 8.04
N GLU A 510 -36.91 -16.63 9.01
CA GLU A 510 -38.29 -16.14 8.89
C GLU A 510 -38.40 -15.07 7.81
N MET A 511 -37.55 -14.03 7.86
CA MET A 511 -37.53 -12.94 6.87
C MET A 511 -37.33 -13.46 5.46
N ALA A 512 -36.39 -14.43 5.29
CA ALA A 512 -36.02 -15.05 4.03
C ALA A 512 -37.19 -15.74 3.34
N TYR A 513 -38.07 -16.38 4.14
CA TYR A 513 -39.23 -17.12 3.65
C TYR A 513 -40.52 -16.32 3.68
N GLU A 514 -40.66 -15.34 4.60
CA GLU A 514 -41.91 -14.60 4.82
C GLU A 514 -41.91 -13.10 4.45
N GLY A 515 -40.74 -12.50 4.27
CA GLY A 515 -40.66 -11.08 3.96
C GLY A 515 -40.40 -10.26 5.21
N ARG A 516 -40.70 -8.95 5.15
CA ARG A 516 -40.47 -7.97 6.22
C ARG A 516 -38.95 -7.92 6.55
N ILE A 517 -38.10 -7.94 5.50
CA ILE A 517 -36.64 -7.95 5.59
C ILE A 517 -36.09 -6.57 5.99
N ASP A 518 -35.37 -6.51 7.12
CA ASP A 518 -34.75 -5.28 7.66
C ASP A 518 -33.45 -4.97 6.93
N TRP A 519 -32.89 -3.78 7.20
CA TRP A 519 -31.65 -3.30 6.58
C TRP A 519 -30.46 -4.25 6.80
N ALA A 520 -30.25 -4.73 8.03
CA ALA A 520 -29.12 -5.59 8.40
C ALA A 520 -29.12 -6.93 7.66
N PHE A 521 -30.32 -7.48 7.40
CA PHE A 521 -30.43 -8.74 6.67
C PHE A 521 -30.20 -8.50 5.17
N ALA A 522 -30.75 -7.41 4.60
CA ALA A 522 -30.60 -7.07 3.16
C ALA A 522 -29.12 -6.91 2.75
N GLU A 523 -28.28 -6.37 3.65
CA GLU A 523 -26.84 -6.19 3.43
C GLU A 523 -26.17 -7.55 3.26
N LEU A 524 -26.53 -8.50 4.15
CA LEU A 524 -25.99 -9.87 4.15
C LEU A 524 -26.60 -10.68 3.01
N LEU A 525 -27.86 -10.36 2.59
CA LEU A 525 -28.48 -10.97 1.42
C LEU A 525 -27.68 -10.61 0.16
N ALA A 526 -27.22 -9.33 0.05
CA ALA A 526 -26.40 -8.80 -1.04
C ALA A 526 -25.00 -9.41 -1.05
N LEU A 527 -24.29 -9.39 0.10
CA LEU A 527 -22.93 -9.94 0.18
C LEU A 527 -22.93 -11.46 0.03
N GLY A 528 -23.83 -12.18 0.71
CA GLY A 528 -23.96 -13.63 0.62
C GLY A 528 -24.25 -14.12 -0.80
N SER A 529 -25.13 -13.41 -1.54
CA SER A 529 -25.46 -13.77 -2.92
C SER A 529 -24.28 -13.48 -3.89
N LEU A 530 -23.40 -12.50 -3.57
CA LEU A 530 -22.21 -12.23 -4.41
C LEU A 530 -21.19 -13.34 -4.20
N ILE A 531 -21.05 -13.82 -2.94
CA ILE A 531 -20.16 -14.91 -2.53
C ILE A 531 -20.59 -16.17 -3.30
N ALA A 532 -21.92 -16.45 -3.32
CA ALA A 532 -22.49 -17.61 -4.01
C ALA A 532 -22.19 -17.55 -5.53
N GLU A 533 -22.03 -16.33 -6.05
CA GLU A 533 -21.70 -16.11 -7.46
C GLU A 533 -20.18 -16.17 -7.71
N GLY A 534 -19.38 -16.35 -6.65
CA GLY A 534 -17.93 -16.52 -6.75
C GLY A 534 -17.07 -15.31 -6.42
N LYS A 535 -17.69 -14.23 -5.94
CA LYS A 535 -16.95 -13.03 -5.61
C LYS A 535 -16.36 -13.04 -4.21
N LEU A 536 -15.11 -12.53 -4.09
CA LEU A 536 -14.44 -12.30 -2.80
C LEU A 536 -15.06 -11.04 -2.21
N VAL A 537 -15.52 -11.13 -0.97
CA VAL A 537 -16.13 -10.01 -0.25
C VAL A 537 -15.32 -9.79 1.02
N ARG A 538 -14.72 -8.62 1.15
CA ARG A 538 -13.97 -8.23 2.34
C ARG A 538 -14.70 -7.06 3.00
N LEU A 539 -15.11 -7.26 4.26
CA LEU A 539 -15.85 -6.30 5.08
C LEU A 539 -15.08 -6.11 6.36
N SER A 540 -14.91 -4.85 6.81
CA SER A 540 -14.13 -4.57 8.04
C SER A 540 -14.41 -3.18 8.57
N GLY A 541 -14.02 -2.97 9.81
CA GLY A 541 -14.21 -1.73 10.53
C GLY A 541 -14.32 -2.00 12.00
N GLN A 542 -14.48 -0.94 12.80
CA GLN A 542 -14.56 -1.09 14.24
C GLN A 542 -15.85 -1.78 14.67
N ASP A 543 -15.69 -2.95 15.31
CA ASP A 543 -16.76 -3.82 15.84
C ASP A 543 -17.72 -4.26 14.72
N THR A 544 -17.21 -4.36 13.47
CA THR A 544 -17.98 -4.70 12.25
C THR A 544 -18.56 -6.14 12.29
N GLN A 545 -17.85 -7.13 12.91
CA GLN A 545 -18.29 -8.53 12.96
C GLN A 545 -19.69 -8.62 13.55
N ARG A 546 -19.91 -7.99 14.70
CA ARG A 546 -21.20 -7.94 15.38
C ARG A 546 -22.08 -6.81 14.84
N GLY A 547 -21.47 -5.64 14.68
CA GLY A 547 -22.13 -4.40 14.28
C GLY A 547 -22.15 -3.45 15.47
N THR A 548 -21.96 -2.15 15.22
CA THR A 548 -21.95 -1.14 16.30
C THR A 548 -23.31 -1.13 17.01
N PHE A 549 -24.38 -1.40 16.25
CA PHE A 549 -25.74 -1.37 16.71
C PHE A 549 -26.31 -2.77 16.93
N THR A 550 -25.41 -3.78 17.17
CA THR A 550 -25.75 -5.19 17.45
C THR A 550 -26.69 -5.76 16.37
N GLN A 551 -26.57 -5.26 15.12
CA GLN A 551 -27.46 -5.61 14.01
C GLN A 551 -26.85 -6.57 12.99
N ARG A 552 -25.51 -6.55 12.75
CA ARG A 552 -24.92 -7.41 11.72
C ARG A 552 -24.84 -8.92 12.12
N HIS A 553 -24.07 -9.29 13.17
CA HIS A 553 -23.86 -10.69 13.56
C HIS A 553 -23.39 -11.52 12.34
N ALA A 554 -22.27 -11.08 11.72
CA ALA A 554 -21.62 -11.73 10.59
C ALA A 554 -20.74 -12.88 11.09
N VAL A 555 -20.28 -12.75 12.33
CA VAL A 555 -19.51 -13.74 13.09
C VAL A 555 -20.27 -13.88 14.42
N ILE A 556 -20.50 -15.12 14.86
CA ILE A 556 -21.23 -15.49 16.08
C ILE A 556 -20.25 -16.26 16.99
N VAL A 557 -20.32 -16.02 18.31
CA VAL A 557 -19.36 -16.63 19.24
C VAL A 557 -20.03 -17.75 20.03
N ASP A 558 -19.30 -18.87 20.16
CA ASP A 558 -19.74 -20.06 20.90
C ASP A 558 -19.72 -19.72 22.39
N ARG A 559 -20.91 -19.69 23.02
CA ARG A 559 -21.13 -19.33 24.42
C ARG A 559 -20.23 -20.08 25.43
N LYS A 560 -19.81 -21.33 25.14
CA LYS A 560 -18.99 -22.14 26.04
C LYS A 560 -17.50 -22.23 25.65
N THR A 561 -17.13 -22.11 24.35
CA THR A 561 -15.72 -22.27 23.92
C THR A 561 -15.12 -21.05 23.22
N GLY A 562 -15.93 -20.05 22.92
CA GLY A 562 -15.47 -18.84 22.23
C GLY A 562 -15.17 -19.02 20.75
N GLU A 563 -15.55 -20.18 20.19
CA GLU A 563 -15.34 -20.50 18.77
C GLU A 563 -16.20 -19.61 17.89
N GLU A 564 -15.65 -19.21 16.73
CA GLU A 564 -16.36 -18.34 15.80
C GLU A 564 -17.09 -19.11 14.70
N PHE A 565 -18.25 -18.63 14.26
CA PHE A 565 -19.01 -19.19 13.15
C PHE A 565 -19.49 -18.03 12.26
N THR A 566 -19.20 -18.13 10.96
CA THR A 566 -19.53 -17.14 9.92
C THR A 566 -20.61 -17.75 8.98
N PRO A 567 -21.91 -17.42 9.20
CA PRO A 567 -22.97 -18.00 8.34
C PRO A 567 -22.79 -17.80 6.84
N LEU A 568 -22.34 -16.60 6.37
CA LEU A 568 -22.17 -16.34 4.93
C LEU A 568 -21.04 -17.16 4.31
N GLN A 569 -20.12 -17.75 5.13
CA GLN A 569 -19.02 -18.57 4.62
C GLN A 569 -19.54 -19.91 4.04
N LEU A 570 -20.80 -20.26 4.33
CA LEU A 570 -21.47 -21.46 3.81
C LEU A 570 -21.86 -21.31 2.32
N LEU A 571 -21.96 -20.06 1.84
CA LEU A 571 -22.35 -19.74 0.47
C LEU A 571 -21.19 -19.84 -0.51
N ALA A 572 -19.97 -20.01 0.03
CA ALA A 572 -18.72 -20.22 -0.71
C ALA A 572 -18.66 -21.63 -1.29
N THR A 573 -19.61 -22.47 -0.88
CA THR A 573 -19.74 -23.86 -1.30
C THR A 573 -21.13 -24.07 -1.89
N ASN A 574 -21.18 -24.70 -3.07
CA ASN A 574 -22.44 -25.01 -3.76
C ASN A 574 -23.15 -26.22 -3.11
N PRO A 575 -24.49 -26.45 -3.34
CA PRO A 575 -25.17 -27.62 -2.73
C PRO A 575 -24.52 -28.98 -3.07
N ASP A 576 -23.72 -29.05 -4.15
CA ASP A 576 -23.00 -30.26 -4.58
C ASP A 576 -21.60 -30.36 -3.94
N GLY A 577 -21.21 -29.35 -3.15
CA GLY A 577 -19.95 -29.31 -2.42
C GLY A 577 -18.77 -28.65 -3.09
N THR A 578 -18.87 -28.34 -4.40
CA THR A 578 -17.80 -27.69 -5.16
C THR A 578 -17.68 -26.19 -4.79
N PRO A 579 -16.46 -25.60 -4.72
CA PRO A 579 -16.36 -24.16 -4.36
C PRO A 579 -16.96 -23.26 -5.43
N THR A 580 -17.46 -22.11 -5.01
CA THR A 580 -18.04 -21.11 -5.92
C THR A 580 -16.91 -20.20 -6.41
N GLY A 581 -15.88 -20.07 -5.57
CA GLY A 581 -14.74 -19.20 -5.79
C GLY A 581 -14.88 -17.96 -4.93
N GLY A 582 -15.98 -17.90 -4.18
CA GLY A 582 -16.32 -16.81 -3.29
C GLY A 582 -15.77 -16.99 -1.90
N LYS A 583 -15.66 -15.89 -1.16
CA LYS A 583 -15.14 -15.90 0.21
C LYS A 583 -15.65 -14.70 1.00
N PHE A 584 -15.97 -14.93 2.27
CA PHE A 584 -16.35 -13.88 3.20
C PHE A 584 -15.19 -13.61 4.14
N LEU A 585 -14.51 -12.46 3.96
CA LEU A 585 -13.41 -12.05 4.83
C LEU A 585 -13.90 -10.89 5.67
N VAL A 586 -14.32 -11.18 6.89
CA VAL A 586 -14.89 -10.18 7.76
C VAL A 586 -14.02 -10.06 9.03
N TYR A 587 -13.64 -8.81 9.35
CA TYR A 587 -12.76 -8.51 10.49
C TYR A 587 -13.22 -7.31 11.29
N ASN A 588 -12.82 -7.30 12.57
CA ASN A 588 -12.90 -6.14 13.46
C ASN A 588 -11.59 -5.37 13.24
N SER A 589 -11.63 -4.07 12.93
CA SER A 589 -10.37 -3.35 12.69
C SER A 589 -9.75 -2.90 14.00
N ALA A 590 -8.56 -2.31 13.89
CA ALA A 590 -7.91 -1.65 14.99
C ALA A 590 -8.66 -0.30 15.18
N LEU A 591 -8.39 0.42 16.28
CA LEU A 591 -9.05 1.70 16.50
C LEU A 591 -8.29 2.79 15.68
N SER A 592 -8.35 2.67 14.33
CA SER A 592 -7.71 3.52 13.33
C SER A 592 -8.69 3.89 12.26
N GLU A 593 -8.50 5.04 11.63
CA GLU A 593 -9.37 5.44 10.50
C GLU A 593 -8.46 5.64 9.32
N PHE A 594 -7.42 6.46 9.48
CA PHE A 594 -6.41 6.74 8.45
C PHE A 594 -5.83 5.43 7.89
N ALA A 595 -5.21 4.60 8.74
CA ALA A 595 -4.62 3.34 8.27
C ALA A 595 -5.68 2.31 7.79
N ALA A 596 -6.87 2.24 8.44
CA ALA A 596 -7.92 1.31 8.06
C ALA A 596 -8.56 1.64 6.68
N VAL A 597 -8.89 2.91 6.43
CA VAL A 597 -9.47 3.37 5.16
C VAL A 597 -8.43 3.26 4.05
N GLY A 598 -7.18 3.61 4.36
CA GLY A 598 -6.05 3.51 3.43
C GLY A 598 -5.81 2.09 2.98
N PHE A 599 -5.84 1.15 3.95
CA PHE A 599 -5.65 -0.28 3.75
C PHE A 599 -6.73 -0.85 2.85
N GLU A 600 -8.00 -0.48 3.11
CA GLU A 600 -9.14 -0.97 2.33
C GLU A 600 -9.09 -0.44 0.88
N TYR A 601 -8.67 0.81 0.69
CA TYR A 601 -8.48 1.42 -0.63
C TYR A 601 -7.41 0.64 -1.40
N GLY A 602 -6.29 0.38 -0.74
CA GLY A 602 -5.18 -0.39 -1.31
C GLY A 602 -5.58 -1.81 -1.65
N TYR A 603 -6.43 -2.43 -0.79
CA TYR A 603 -6.95 -3.78 -0.99
C TYR A 603 -7.79 -3.83 -2.30
N SER A 604 -8.61 -2.79 -2.56
CA SER A 604 -9.43 -2.74 -3.76
C SER A 604 -8.57 -2.50 -5.01
N VAL A 605 -7.43 -1.81 -4.87
CA VAL A 605 -6.53 -1.59 -5.99
C VAL A 605 -5.78 -2.90 -6.27
N GLY A 606 -5.38 -3.61 -5.22
CA GLY A 606 -4.68 -4.90 -5.31
C GLY A 606 -5.49 -6.03 -5.94
N ASN A 607 -6.84 -6.00 -5.80
CA ASN A 607 -7.76 -6.98 -6.41
C ASN A 607 -9.06 -6.26 -6.87
N PRO A 608 -9.11 -5.84 -8.15
CA PRO A 608 -10.31 -5.14 -8.66
C PRO A 608 -11.58 -6.01 -8.67
N ASP A 609 -11.43 -7.34 -8.56
CA ASP A 609 -12.54 -8.29 -8.60
C ASP A 609 -13.18 -8.51 -7.22
N ALA A 610 -12.53 -8.00 -6.16
CA ALA A 610 -13.02 -8.12 -4.80
C ALA A 610 -14.02 -7.03 -4.50
N MET A 611 -14.99 -7.32 -3.63
CA MET A 611 -15.98 -6.38 -3.10
C MET A 611 -15.39 -5.93 -1.77
N VAL A 612 -14.88 -4.69 -1.69
CA VAL A 612 -14.21 -4.24 -0.47
C VAL A 612 -15.02 -3.15 0.20
N LEU A 613 -15.42 -3.41 1.45
CA LEU A 613 -16.23 -2.48 2.25
C LEU A 613 -15.60 -2.18 3.60
N TRP A 614 -15.38 -0.90 3.82
CA TRP A 614 -14.91 -0.41 5.11
C TRP A 614 -16.08 0.25 5.80
N GLU A 615 -16.21 0.04 7.11
CA GLU A 615 -17.31 0.65 7.84
C GLU A 615 -16.81 1.54 8.97
N ALA A 616 -17.26 2.80 8.99
CA ALA A 616 -16.99 3.70 10.12
C ALA A 616 -17.91 3.32 11.29
N GLN A 617 -17.47 3.51 12.53
CA GLN A 617 -18.27 3.24 13.74
C GLN A 617 -19.52 4.11 13.64
N PHE A 618 -19.25 5.39 13.38
CA PHE A 618 -20.16 6.49 13.07
C PHE A 618 -19.46 7.27 11.97
N GLY A 619 -20.19 7.77 10.99
CA GLY A 619 -19.60 8.52 9.88
C GLY A 619 -18.76 9.71 10.32
N ASP A 620 -19.06 10.27 11.50
CA ASP A 620 -18.38 11.41 12.10
C ASP A 620 -16.87 11.19 12.31
N PHE A 621 -16.41 9.92 12.34
CA PHE A 621 -15.01 9.60 12.62
C PHE A 621 -14.17 9.44 11.37
N VAL A 622 -14.81 9.42 10.17
CA VAL A 622 -14.14 9.23 8.88
C VAL A 622 -13.18 10.42 8.56
N ASN A 623 -13.37 11.61 9.17
CA ASN A 623 -12.51 12.77 8.97
C ASN A 623 -11.05 12.51 9.43
N GLY A 624 -10.84 11.50 10.28
CA GLY A 624 -9.52 11.05 10.70
C GLY A 624 -8.80 10.38 9.54
N ALA A 625 -9.54 10.05 8.46
CA ALA A 625 -9.01 9.42 7.25
C ALA A 625 -9.14 10.35 6.03
N GLN A 626 -9.29 11.67 6.25
CA GLN A 626 -9.44 12.71 5.23
C GLN A 626 -8.32 12.73 4.18
N SER A 627 -7.07 12.53 4.58
CA SER A 627 -5.95 12.46 3.65
C SER A 627 -6.18 11.32 2.64
N ILE A 628 -6.72 10.16 3.08
CA ILE A 628 -7.00 9.02 2.19
C ILE A 628 -8.20 9.33 1.28
N ILE A 629 -9.31 9.88 1.84
CA ILE A 629 -10.47 10.25 1.02
C ILE A 629 -10.05 11.31 -0.05
N ASP A 630 -9.29 12.34 0.35
CA ASP A 630 -8.86 13.42 -0.53
C ASP A 630 -7.82 12.99 -1.54
N GLU A 631 -6.76 12.35 -1.06
CA GLU A 631 -5.59 12.03 -1.87
C GLU A 631 -5.68 10.75 -2.67
N PHE A 632 -6.52 9.79 -2.30
CA PHE A 632 -6.61 8.51 -2.96
C PHE A 632 -7.98 8.17 -3.50
N ILE A 633 -8.99 8.04 -2.62
CA ILE A 633 -10.34 7.57 -3.01
C ILE A 633 -11.03 8.48 -4.02
N SER A 634 -11.12 9.79 -3.73
CA SER A 634 -11.87 10.72 -4.56
C SER A 634 -11.15 11.17 -5.84
N SER A 635 -9.79 11.06 -5.89
CA SER A 635 -8.98 11.66 -6.94
C SER A 635 -7.93 10.76 -7.66
N GLY A 636 -7.66 9.55 -7.15
CA GLY A 636 -6.65 8.63 -7.69
C GLY A 636 -6.74 8.30 -9.17
N GLU A 637 -7.98 8.19 -9.69
CA GLU A 637 -8.26 7.86 -11.09
C GLU A 637 -7.92 9.03 -12.01
N ALA A 638 -8.46 10.24 -11.75
CA ALA A 638 -8.15 11.40 -12.57
C ALA A 638 -6.63 11.69 -12.59
N LYS A 639 -5.98 11.62 -11.40
CA LYS A 639 -4.57 11.93 -11.24
C LYS A 639 -3.61 10.86 -11.77
N TRP A 640 -3.87 9.56 -11.47
CA TRP A 640 -2.90 8.52 -11.80
C TRP A 640 -3.42 7.42 -12.75
N GLY A 641 -4.72 7.41 -13.03
CA GLY A 641 -5.35 6.36 -13.82
C GLY A 641 -5.57 5.10 -12.99
N GLN A 642 -5.27 5.18 -11.67
CA GLN A 642 -5.43 4.13 -10.67
C GLN A 642 -6.89 4.07 -10.26
N LEU A 643 -7.49 2.90 -10.35
CA LEU A 643 -8.91 2.70 -10.10
C LEU A 643 -9.13 1.90 -8.83
N SER A 644 -10.21 2.24 -8.11
CA SER A 644 -10.60 1.59 -6.87
C SER A 644 -12.11 1.42 -6.82
N ASP A 645 -12.56 0.29 -6.31
CA ASP A 645 -13.99 -0.01 -6.17
C ASP A 645 -14.34 -0.11 -4.70
N VAL A 646 -13.63 0.66 -3.84
CA VAL A 646 -13.84 0.58 -2.38
C VAL A 646 -15.21 1.18 -1.99
N VAL A 647 -15.89 0.53 -1.04
CA VAL A 647 -17.15 0.99 -0.47
C VAL A 647 -16.87 1.51 0.93
N LEU A 648 -17.40 2.70 1.26
CA LEU A 648 -17.33 3.25 2.61
C LEU A 648 -18.73 3.30 3.17
N LEU A 649 -18.96 2.64 4.32
CA LEU A 649 -20.25 2.63 5.02
C LEU A 649 -20.14 3.60 6.15
N LEU A 650 -20.94 4.67 6.07
CA LEU A 650 -20.85 5.76 7.04
C LEU A 650 -22.16 5.96 7.81
N PRO A 651 -22.30 5.36 9.03
CA PRO A 651 -23.54 5.56 9.82
C PRO A 651 -23.80 7.05 10.04
N HIS A 652 -24.96 7.48 9.55
CA HIS A 652 -25.39 8.88 9.47
C HIS A 652 -26.85 9.03 9.94
N GLY A 653 -27.19 10.18 10.53
CA GLY A 653 -28.55 10.46 10.99
C GLY A 653 -28.67 11.28 12.27
N HIS A 654 -29.54 12.31 12.24
CA HIS A 654 -29.81 13.17 13.40
C HIS A 654 -30.75 12.42 14.36
N GLU A 655 -30.24 12.07 15.58
CA GLU A 655 -30.99 11.29 16.59
C GLU A 655 -30.86 11.86 18.03
N GLY A 656 -30.14 12.96 18.18
CA GLY A 656 -29.90 13.61 19.47
C GLY A 656 -28.70 13.07 20.22
N GLN A 657 -27.84 12.35 19.51
CA GLN A 657 -26.65 11.70 20.06
C GLN A 657 -25.37 12.55 19.99
N GLY A 658 -25.48 13.86 19.71
CA GLY A 658 -24.34 14.78 19.67
C GLY A 658 -23.72 15.07 18.31
N PRO A 659 -22.79 16.07 18.19
CA PRO A 659 -22.19 16.38 16.87
C PRO A 659 -21.14 15.39 16.40
N ASP A 660 -20.82 14.37 17.20
CA ASP A 660 -19.82 13.36 16.84
C ASP A 660 -20.46 11.99 16.66
N HIS A 661 -21.79 11.96 16.63
CA HIS A 661 -22.58 10.74 16.44
C HIS A 661 -23.80 11.06 15.63
N THR A 662 -23.67 11.94 14.59
CA THR A 662 -24.81 12.40 13.78
C THR A 662 -24.54 12.44 12.26
N SER A 663 -23.37 12.92 11.83
CA SER A 663 -23.14 13.19 10.42
C SER A 663 -21.82 12.66 9.83
N GLY A 664 -21.93 12.01 8.68
CA GLY A 664 -20.80 11.52 7.89
C GLY A 664 -20.27 12.58 6.93
N ARG A 665 -20.79 13.84 7.07
CA ARG A 665 -20.52 15.06 6.30
C ARG A 665 -20.80 14.85 4.79
N ILE A 666 -22.09 14.61 4.46
CA ILE A 666 -22.58 14.38 3.10
C ILE A 666 -22.05 15.45 2.17
N GLU A 667 -22.12 16.74 2.60
CA GLU A 667 -21.72 17.95 1.89
C GLU A 667 -20.25 17.92 1.45
N ARG A 668 -19.34 17.33 2.23
CA ARG A 668 -17.92 17.26 1.90
C ARG A 668 -17.69 16.26 0.77
N PHE A 669 -18.34 15.08 0.82
CA PHE A 669 -18.22 14.07 -0.22
C PHE A 669 -18.82 14.57 -1.54
N LEU A 670 -19.92 15.33 -1.45
CA LEU A 670 -20.61 15.92 -2.59
C LEU A 670 -19.77 17.04 -3.21
N GLN A 671 -18.96 17.73 -2.40
CA GLN A 671 -18.03 18.80 -2.80
C GLN A 671 -16.87 18.22 -3.60
N LEU A 672 -16.36 17.05 -3.16
CA LEU A 672 -15.25 16.31 -3.75
C LEU A 672 -15.64 15.69 -5.09
N TRP A 673 -16.93 15.35 -5.24
CA TRP A 673 -17.46 14.70 -6.44
C TRP A 673 -17.30 15.53 -7.70
N ALA A 674 -16.98 14.82 -8.79
CA ALA A 674 -16.88 15.28 -10.17
C ALA A 674 -17.39 14.17 -11.08
N GLU A 675 -17.89 14.48 -12.27
CA GLU A 675 -18.41 13.48 -13.19
C GLU A 675 -17.48 12.22 -13.23
N GLY A 676 -18.01 11.07 -12.77
CA GLY A 676 -17.32 9.80 -12.76
C GLY A 676 -16.28 9.55 -11.68
N SER A 677 -16.25 10.44 -10.66
CA SER A 677 -15.32 10.41 -9.53
C SER A 677 -15.65 9.25 -8.60
N MET A 678 -16.89 9.28 -8.04
CA MET A 678 -17.51 8.37 -7.06
C MET A 678 -19.01 8.27 -7.25
N THR A 679 -19.62 7.25 -6.61
CA THR A 679 -21.07 7.10 -6.45
C THR A 679 -21.35 7.44 -4.98
N ILE A 680 -22.30 8.35 -4.73
CA ILE A 680 -22.68 8.77 -3.38
C ILE A 680 -24.15 8.47 -3.20
N ALA A 681 -24.48 7.67 -2.19
CA ALA A 681 -25.87 7.30 -1.97
C ALA A 681 -26.26 7.34 -0.49
N MET A 682 -27.56 7.50 -0.27
CA MET A 682 -28.18 7.43 1.05
C MET A 682 -29.51 6.67 0.87
N PRO A 683 -29.49 5.31 0.83
CA PRO A 683 -30.74 4.57 0.63
C PRO A 683 -31.65 4.60 1.87
N SER A 684 -32.98 4.55 1.63
CA SER A 684 -34.01 4.62 2.68
C SER A 684 -34.67 3.28 2.91
N THR A 685 -34.35 2.31 2.04
CA THR A 685 -34.96 1.00 1.99
C THR A 685 -33.92 -0.15 2.03
N PRO A 686 -34.19 -1.22 2.83
CA PRO A 686 -33.28 -2.37 2.86
C PRO A 686 -33.00 -2.95 1.45
N ALA A 687 -34.05 -3.18 0.64
CA ALA A 687 -33.93 -3.73 -0.71
C ALA A 687 -33.20 -2.81 -1.68
N ASN A 688 -33.44 -1.49 -1.60
CA ASN A 688 -32.78 -0.53 -2.50
C ASN A 688 -31.28 -0.45 -2.19
N TYR A 689 -30.90 -0.76 -0.93
CA TYR A 689 -29.51 -0.85 -0.49
C TYR A 689 -28.90 -2.15 -1.03
N PHE A 690 -29.68 -3.25 -0.98
CA PHE A 690 -29.30 -4.57 -1.52
C PHE A 690 -28.90 -4.40 -2.99
N HIS A 691 -29.82 -3.82 -3.83
CA HIS A 691 -29.58 -3.58 -5.25
C HIS A 691 -28.37 -2.65 -5.45
N LEU A 692 -28.24 -1.58 -4.63
CA LEU A 692 -27.08 -0.66 -4.65
C LEU A 692 -25.75 -1.43 -4.53
N LEU A 693 -25.62 -2.31 -3.50
CA LEU A 693 -24.41 -3.13 -3.27
C LEU A 693 -24.17 -4.13 -4.42
N ARG A 694 -25.21 -4.83 -4.85
CA ARG A 694 -25.13 -5.85 -5.91
C ARG A 694 -24.70 -5.23 -7.24
N ARG A 695 -25.22 -4.02 -7.55
CA ARG A 695 -24.86 -3.29 -8.77
C ARG A 695 -23.40 -2.89 -8.68
N HIS A 696 -22.99 -2.38 -7.50
CA HIS A 696 -21.61 -1.95 -7.25
C HIS A 696 -20.63 -3.11 -7.51
N GLY A 697 -20.95 -4.31 -7.05
CA GLY A 697 -20.09 -5.48 -7.21
C GLY A 697 -20.19 -6.21 -8.54
N LYS A 698 -21.18 -5.88 -9.38
CA LYS A 698 -21.37 -6.59 -10.65
C LYS A 698 -21.33 -5.68 -11.89
N ASP A 699 -21.26 -4.35 -11.75
CA ASP A 699 -21.30 -3.41 -12.88
C ASP A 699 -20.06 -3.44 -13.80
N GLY A 700 -18.99 -4.13 -13.41
CA GLY A 700 -17.77 -4.18 -14.20
C GLY A 700 -17.07 -2.84 -14.35
N ILE A 701 -17.36 -1.90 -13.42
CA ILE A 701 -16.79 -0.56 -13.33
C ILE A 701 -16.07 -0.47 -12.00
N GLN A 702 -14.87 0.12 -11.98
CA GLN A 702 -14.11 0.33 -10.74
C GLN A 702 -14.33 1.79 -10.32
N ARG A 703 -15.25 2.02 -9.38
CA ARG A 703 -15.55 3.38 -8.90
C ARG A 703 -15.93 3.34 -7.42
N PRO A 704 -15.31 4.19 -6.56
CA PRO A 704 -15.63 4.14 -5.13
C PRO A 704 -17.09 4.45 -4.86
N LEU A 705 -17.64 3.80 -3.83
CA LEU A 705 -19.03 3.98 -3.42
C LEU A 705 -19.08 4.49 -1.96
N ILE A 706 -19.68 5.68 -1.77
CA ILE A 706 -19.87 6.29 -0.45
C ILE A 706 -21.35 6.11 -0.07
N VAL A 707 -21.62 5.38 1.03
CA VAL A 707 -22.98 5.09 1.51
C VAL A 707 -23.20 5.66 2.90
N PHE A 708 -24.24 6.48 3.06
CA PHE A 708 -24.69 7.05 4.33
C PHE A 708 -25.72 6.05 4.84
N THR A 709 -25.29 5.24 5.80
CA THR A 709 -26.04 4.12 6.33
C THR A 709 -26.81 4.49 7.63
N PRO A 710 -27.86 3.72 8.01
CA PRO A 710 -28.64 4.09 9.19
C PRO A 710 -28.14 3.54 10.51
N LYS A 711 -28.72 4.08 11.59
CA LYS A 711 -28.53 3.70 12.98
C LYS A 711 -29.88 3.26 13.54
N SER A 712 -30.77 4.20 13.91
CA SER A 712 -32.07 3.84 14.49
C SER A 712 -33.04 3.34 13.40
N MET A 713 -32.80 3.71 12.11
CA MET A 713 -33.64 3.28 10.99
C MET A 713 -33.47 1.76 10.74
N LEU A 714 -32.42 1.13 11.33
CA LEU A 714 -32.16 -0.32 11.24
C LEU A 714 -33.28 -1.11 11.91
N ARG A 715 -33.84 -0.57 13.01
CA ARG A 715 -34.88 -1.23 13.78
C ARG A 715 -36.24 -0.57 13.57
N ASN A 716 -36.36 0.37 12.58
CA ASN A 716 -37.64 1.00 12.23
C ASN A 716 -38.49 -0.05 11.53
N LYS A 717 -39.67 -0.35 12.11
CA LYS A 717 -40.63 -1.35 11.65
C LYS A 717 -41.19 -1.04 10.24
N ALA A 718 -41.21 0.24 9.84
CA ALA A 718 -41.65 0.69 8.52
C ALA A 718 -40.56 0.49 7.46
N ALA A 719 -39.27 0.73 7.82
CA ALA A 719 -38.08 0.58 6.96
C ALA A 719 -37.73 -0.92 6.79
N VAL A 720 -38.66 -1.63 6.17
CA VAL A 720 -38.65 -3.06 5.94
C VAL A 720 -39.06 -3.27 4.47
N SER A 721 -38.70 -4.43 3.86
CA SER A 721 -38.94 -4.71 2.43
C SER A 721 -39.55 -6.10 2.14
N ASP A 722 -40.30 -6.21 1.00
CA ASP A 722 -40.91 -7.44 0.52
C ASP A 722 -39.91 -8.33 -0.22
N ILE A 723 -40.16 -9.65 -0.24
CA ILE A 723 -39.36 -10.65 -0.95
C ILE A 723 -39.26 -10.25 -2.46
N ARG A 724 -40.38 -9.73 -3.02
CA ARG A 724 -40.55 -9.29 -4.42
C ARG A 724 -39.59 -8.14 -4.76
N ASP A 725 -39.29 -7.26 -3.80
CA ASP A 725 -38.37 -6.13 -3.97
C ASP A 725 -36.93 -6.60 -4.23
N PHE A 726 -36.61 -7.85 -3.85
CA PHE A 726 -35.31 -8.49 -4.02
C PHE A 726 -35.25 -9.38 -5.25
N THR A 727 -36.40 -9.90 -5.71
CA THR A 727 -36.47 -10.83 -6.84
C THR A 727 -36.95 -10.19 -8.14
N GLU A 728 -37.89 -9.23 -8.06
CA GLU A 728 -38.52 -8.62 -9.24
C GLU A 728 -38.22 -7.12 -9.40
N SER A 729 -37.07 -6.61 -8.89
CA SER A 729 -36.75 -5.18 -9.00
C SER A 729 -35.26 -4.93 -9.26
N LYS A 730 -34.82 -3.65 -9.26
CA LYS A 730 -33.42 -3.22 -9.47
C LYS A 730 -33.12 -1.98 -8.56
N PHE A 731 -31.95 -1.30 -8.76
CA PHE A 731 -31.63 -0.11 -7.97
C PHE A 731 -32.43 1.08 -8.47
N ARG A 732 -33.12 1.78 -7.54
CA ARG A 732 -33.92 2.95 -7.85
C ARG A 732 -33.21 4.18 -7.30
N SER A 733 -32.71 5.04 -8.20
CA SER A 733 -31.97 6.26 -7.85
C SER A 733 -32.91 7.34 -7.30
N VAL A 734 -34.20 7.29 -7.66
CA VAL A 734 -35.29 8.17 -7.23
C VAL A 734 -36.43 7.24 -6.77
N LEU A 735 -37.17 7.63 -5.71
CA LEU A 735 -38.28 6.83 -5.20
C LEU A 735 -39.53 7.68 -4.91
N GLU A 736 -40.70 7.09 -5.20
CA GLU A 736 -42.00 7.68 -4.93
C GLU A 736 -42.64 6.94 -3.77
N GLU A 737 -43.76 7.47 -3.26
CA GLU A 737 -44.48 6.81 -2.19
C GLU A 737 -45.22 5.57 -2.71
N PRO A 738 -45.20 4.43 -1.97
CA PRO A 738 -45.88 3.21 -2.45
C PRO A 738 -47.38 3.37 -2.73
N MET A 739 -48.02 4.45 -2.23
CA MET A 739 -49.43 4.71 -2.52
C MET A 739 -49.59 5.11 -4.00
N TYR A 740 -48.59 5.78 -4.61
CA TYR A 740 -48.65 6.20 -6.00
C TYR A 740 -48.16 5.11 -6.97
N THR A 741 -47.41 4.10 -6.47
CA THR A 741 -46.87 3.04 -7.32
C THR A 741 -47.60 1.69 -7.13
N ASP A 742 -48.11 1.40 -5.93
CA ASP A 742 -48.81 0.15 -5.63
C ASP A 742 -50.27 0.38 -5.17
N GLY A 743 -50.48 1.31 -4.25
CA GLY A 743 -51.80 1.62 -3.68
C GLY A 743 -52.75 2.41 -4.56
N GLU A 744 -53.67 3.12 -3.91
CA GLU A 744 -54.68 3.94 -4.56
C GLU A 744 -54.42 5.44 -4.33
N GLY A 745 -53.21 5.87 -4.63
CA GLY A 745 -52.79 7.26 -4.48
C GLY A 745 -52.95 8.08 -5.75
N ASP A 746 -53.63 9.24 -5.61
CA ASP A 746 -53.89 10.20 -6.69
C ASP A 746 -52.83 11.30 -6.62
N ARG A 747 -51.93 11.31 -7.62
CA ARG A 747 -50.82 12.25 -7.76
C ARG A 747 -51.27 13.63 -8.26
N ASN A 748 -52.51 13.72 -8.77
CA ASN A 748 -53.08 14.97 -9.30
C ASN A 748 -53.57 15.91 -8.21
N LYS A 749 -53.86 15.38 -7.01
CA LYS A 749 -54.31 16.17 -5.86
C LYS A 749 -53.12 16.85 -5.14
N VAL A 750 -51.89 16.50 -5.53
CA VAL A 750 -50.60 16.98 -4.99
C VAL A 750 -50.28 18.40 -5.52
N THR A 751 -50.01 19.34 -4.59
CA THR A 751 -49.69 20.73 -4.92
C THR A 751 -48.33 21.13 -4.34
N ARG A 752 -47.89 20.43 -3.27
CA ARG A 752 -46.61 20.64 -2.59
C ARG A 752 -45.79 19.36 -2.66
N LEU A 753 -44.56 19.46 -3.17
CA LEU A 753 -43.68 18.31 -3.28
C LEU A 753 -42.45 18.49 -2.37
N LEU A 754 -42.18 17.45 -1.57
CA LEU A 754 -41.07 17.42 -0.65
C LEU A 754 -40.00 16.45 -1.14
N LEU A 755 -38.85 17.00 -1.55
CA LEU A 755 -37.72 16.20 -1.99
C LEU A 755 -36.84 15.97 -0.78
N THR A 756 -36.47 14.70 -0.52
CA THR A 756 -35.69 14.32 0.64
C THR A 756 -34.81 13.11 0.32
N SER A 757 -34.02 12.68 1.32
CA SER A 757 -33.16 11.51 1.32
C SER A 757 -32.99 11.05 2.77
N GLY A 758 -32.90 9.74 2.95
CA GLY A 758 -32.72 9.16 4.27
C GLY A 758 -33.97 8.87 5.07
N LYS A 759 -33.78 8.68 6.38
CA LYS A 759 -34.77 8.28 7.38
C LYS A 759 -35.87 9.32 7.63
N ILE A 760 -35.65 10.62 7.34
CA ILE A 760 -36.69 11.65 7.57
C ILE A 760 -37.97 11.38 6.70
N TYR A 761 -37.86 10.59 5.59
CA TYR A 761 -39.02 10.23 4.75
C TYR A 761 -40.12 9.58 5.60
N TYR A 762 -39.76 8.58 6.43
CA TYR A 762 -40.68 7.82 7.28
C TYR A 762 -41.49 8.73 8.22
N GLU A 763 -40.83 9.72 8.85
CA GLU A 763 -41.42 10.71 9.74
C GLU A 763 -42.40 11.60 8.98
N LEU A 764 -41.98 12.11 7.80
CA LEU A 764 -42.84 12.93 6.94
C LEU A 764 -44.07 12.12 6.53
N ALA A 765 -43.87 10.85 6.08
CA ALA A 765 -44.92 9.90 5.68
C ALA A 765 -45.89 9.59 6.84
N ALA A 766 -45.37 9.46 8.09
CA ALA A 766 -46.17 9.19 9.28
C ALA A 766 -47.09 10.37 9.60
N ARG A 767 -46.54 11.61 9.44
CA ARG A 767 -47.27 12.85 9.63
C ARG A 767 -48.39 12.94 8.58
N LYS A 768 -48.09 12.54 7.32
CA LYS A 768 -49.01 12.51 6.19
C LYS A 768 -50.20 11.58 6.47
N ALA A 769 -49.93 10.38 7.06
CA ALA A 769 -50.93 9.37 7.41
C ALA A 769 -51.84 9.86 8.53
N LYS A 770 -51.28 10.45 9.60
CA LYS A 770 -52.00 10.96 10.76
C LYS A 770 -52.86 12.19 10.38
N GLU A 771 -52.27 13.15 9.63
CA GLU A 771 -52.94 14.38 9.22
C GLU A 771 -53.76 14.21 7.92
N ASN A 772 -53.81 12.96 7.38
CA ASN A 772 -54.53 12.55 6.16
C ASN A 772 -54.40 13.61 5.02
N ARG A 773 -53.16 13.95 4.63
CA ARG A 773 -52.86 14.98 3.63
C ARG A 773 -52.60 14.43 2.24
N GLU A 774 -53.55 14.66 1.31
CA GLU A 774 -53.50 14.23 -0.10
C GLU A 774 -52.73 15.24 -0.98
N ASP A 775 -52.72 16.52 -0.55
CA ASP A 775 -52.09 17.65 -1.23
C ASP A 775 -50.55 17.58 -1.23
N VAL A 776 -49.95 16.78 -0.33
CA VAL A 776 -48.48 16.65 -0.23
C VAL A 776 -48.03 15.24 -0.61
N ALA A 777 -46.87 15.15 -1.29
CA ALA A 777 -46.21 13.92 -1.70
C ALA A 777 -44.71 14.02 -1.40
N ILE A 778 -44.08 12.88 -1.04
CA ILE A 778 -42.66 12.85 -0.70
C ILE A 778 -41.89 12.01 -1.72
N VAL A 779 -40.87 12.60 -2.37
CA VAL A 779 -39.99 11.93 -3.34
C VAL A 779 -38.59 11.85 -2.74
N ARG A 780 -37.99 10.64 -2.72
CA ARG A 780 -36.67 10.35 -2.15
C ARG A 780 -35.57 10.22 -3.22
N ILE A 781 -34.46 10.98 -3.09
CA ILE A 781 -33.28 10.90 -3.96
C ILE A 781 -32.31 9.92 -3.25
N GLU A 782 -32.34 8.64 -3.67
CA GLU A 782 -31.58 7.53 -3.13
C GLU A 782 -30.12 7.58 -3.53
N GLN A 783 -29.85 8.04 -4.76
CA GLN A 783 -28.50 8.22 -5.29
C GLN A 783 -28.23 9.71 -5.40
N LEU A 784 -27.40 10.22 -4.47
CA LEU A 784 -27.04 11.64 -4.35
C LEU A 784 -26.08 12.08 -5.46
N ALA A 785 -25.14 11.20 -5.83
CA ALA A 785 -24.16 11.46 -6.88
C ALA A 785 -23.84 10.17 -7.63
N PRO A 786 -23.90 10.15 -8.98
CA PRO A 786 -24.27 11.27 -9.87
C PRO A 786 -25.76 11.59 -9.73
N LEU A 787 -26.13 12.88 -9.78
CA LEU A 787 -27.53 13.25 -9.67
C LEU A 787 -28.31 12.60 -10.83
N PRO A 788 -29.41 11.85 -10.54
CA PRO A 788 -30.15 11.20 -11.63
C PRO A 788 -31.14 12.16 -12.31
N ARG A 789 -30.63 13.04 -13.21
CA ARG A 789 -31.40 14.07 -13.91
C ARG A 789 -32.64 13.53 -14.63
N ARG A 790 -32.50 12.47 -15.45
CA ARG A 790 -33.58 11.87 -16.24
C ARG A 790 -34.70 11.29 -15.38
N ARG A 791 -34.36 10.42 -14.39
CA ARG A 791 -35.36 9.79 -13.53
C ARG A 791 -36.07 10.83 -12.65
N LEU A 792 -35.33 11.87 -12.18
CA LEU A 792 -35.88 12.94 -11.34
C LEU A 792 -36.93 13.75 -12.14
N ALA A 793 -36.63 14.05 -13.42
CA ALA A 793 -37.51 14.75 -14.36
C ALA A 793 -38.78 13.94 -14.62
N GLU A 794 -38.64 12.65 -14.98
CA GLU A 794 -39.74 11.72 -15.27
C GLU A 794 -40.74 11.63 -14.12
N THR A 795 -40.22 11.57 -12.89
CA THR A 795 -41.00 11.47 -11.65
C THR A 795 -41.82 12.76 -11.39
N LEU A 796 -41.18 13.95 -11.42
CA LEU A 796 -41.84 15.24 -11.15
C LEU A 796 -42.94 15.56 -12.21
N ASP A 797 -42.81 15.01 -13.43
CA ASP A 797 -43.78 15.15 -14.52
C ASP A 797 -45.12 14.42 -14.19
N ARG A 798 -45.09 13.44 -13.23
CA ARG A 798 -46.28 12.69 -12.76
C ARG A 798 -47.08 13.50 -11.70
N TYR A 799 -46.68 14.77 -11.48
CA TYR A 799 -47.31 15.67 -10.52
C TYR A 799 -47.60 17.01 -11.24
N PRO A 800 -48.66 17.06 -12.10
CA PRO A 800 -48.87 18.27 -12.93
C PRO A 800 -49.34 19.52 -12.16
N ASN A 801 -49.97 19.34 -11.00
CA ASN A 801 -50.53 20.44 -10.21
C ASN A 801 -49.61 20.94 -9.09
N VAL A 802 -48.30 20.68 -9.17
CA VAL A 802 -47.37 21.14 -8.13
C VAL A 802 -47.05 22.65 -8.35
N LYS A 803 -47.29 23.45 -7.28
CA LYS A 803 -47.06 24.90 -7.26
C LYS A 803 -45.87 25.31 -6.39
N GLU A 804 -45.37 24.41 -5.49
CA GLU A 804 -44.22 24.72 -4.63
C GLU A 804 -43.37 23.46 -4.29
N LYS A 805 -42.06 23.52 -4.61
CA LYS A 805 -41.11 22.44 -4.36
C LYS A 805 -40.20 22.79 -3.16
N PHE A 806 -39.88 21.80 -2.31
CA PHE A 806 -39.05 22.01 -1.13
C PHE A 806 -38.05 20.87 -0.88
N TRP A 807 -36.76 21.22 -0.65
CA TRP A 807 -35.73 20.23 -0.29
C TRP A 807 -35.72 20.13 1.23
N VAL A 808 -36.03 18.92 1.74
CA VAL A 808 -36.15 18.65 3.16
C VAL A 808 -34.99 17.77 3.62
N GLN A 809 -34.24 18.25 4.63
CA GLN A 809 -33.11 17.52 5.23
C GLN A 809 -33.02 17.80 6.73
N GLU A 810 -32.40 16.88 7.49
CA GLU A 810 -32.21 17.01 8.94
C GLU A 810 -31.04 17.89 9.24
N GLU A 811 -30.05 17.87 8.36
CA GLU A 811 -28.76 18.53 8.51
C GLU A 811 -28.87 20.06 8.42
N PRO A 812 -28.01 20.82 9.12
CA PRO A 812 -28.02 22.29 8.99
C PRO A 812 -27.92 22.79 7.52
N ALA A 813 -28.42 24.02 7.24
CA ALA A 813 -28.47 24.68 5.92
C ALA A 813 -27.12 24.64 5.15
N ASN A 814 -25.97 24.72 5.86
CA ASN A 814 -24.62 24.69 5.29
C ASN A 814 -24.08 23.25 5.17
N GLN A 815 -24.91 22.25 5.47
CA GLN A 815 -24.53 20.84 5.49
C GLN A 815 -25.60 20.04 4.78
N GLY A 816 -25.43 18.71 4.70
CA GLY A 816 -26.37 17.83 3.99
C GLY A 816 -26.22 17.99 2.49
N ALA A 817 -27.28 17.68 1.72
CA ALA A 817 -27.21 17.77 0.27
C ALA A 817 -27.56 19.18 -0.27
N TRP A 818 -28.18 20.06 0.54
CA TRP A 818 -28.60 21.42 0.10
C TRP A 818 -27.44 22.28 -0.50
N PRO A 819 -26.26 22.52 0.15
CA PRO A 819 -25.23 23.38 -0.48
C PRO A 819 -24.97 23.07 -1.97
N SER A 820 -24.95 21.78 -2.36
CA SER A 820 -24.75 21.38 -3.75
C SER A 820 -26.07 21.36 -4.54
N PHE A 821 -27.13 20.69 -4.02
CA PHE A 821 -28.44 20.55 -4.67
C PHE A 821 -29.11 21.89 -4.91
N GLY A 822 -29.02 22.79 -3.93
CA GLY A 822 -29.58 24.13 -4.01
C GLY A 822 -29.02 24.92 -5.19
N LEU A 823 -27.75 24.67 -5.55
CA LEU A 823 -27.03 25.32 -6.65
C LEU A 823 -27.16 24.56 -7.99
N THR A 824 -27.11 23.21 -7.97
CA THR A 824 -27.09 22.40 -9.19
C THR A 824 -28.50 22.02 -9.72
N LEU A 825 -29.47 21.67 -8.84
CA LEU A 825 -30.83 21.29 -9.25
C LEU A 825 -31.53 22.36 -10.13
N PRO A 826 -31.48 23.71 -9.84
CA PRO A 826 -32.14 24.68 -10.74
C PRO A 826 -31.38 24.90 -12.05
N GLU A 827 -30.07 24.56 -12.09
CA GLU A 827 -29.23 24.71 -13.27
C GLU A 827 -29.39 23.51 -14.20
N ILE A 828 -29.35 22.29 -13.65
CA ILE A 828 -29.47 21.02 -14.36
C ILE A 828 -30.91 20.85 -14.90
N LEU A 829 -31.94 21.09 -14.05
CA LEU A 829 -33.35 20.99 -14.45
C LEU A 829 -34.06 22.34 -14.18
N PRO A 830 -33.96 23.32 -15.11
CA PRO A 830 -34.55 24.64 -14.86
C PRO A 830 -36.07 24.66 -14.92
N ASP A 831 -36.68 23.70 -15.62
CA ASP A 831 -38.15 23.65 -15.73
C ASP A 831 -38.77 22.90 -14.54
N HIS A 832 -37.93 22.29 -13.69
CA HIS A 832 -38.39 21.51 -12.54
C HIS A 832 -37.97 22.11 -11.17
N PHE A 833 -36.76 22.70 -11.06
CA PHE A 833 -36.27 23.19 -9.75
C PHE A 833 -35.96 24.71 -9.65
N THR A 834 -36.55 25.57 -10.51
CA THR A 834 -36.34 27.01 -10.34
C THR A 834 -37.44 27.52 -9.43
N GLY A 835 -37.07 27.81 -8.20
CA GLY A 835 -37.99 28.24 -7.14
C GLY A 835 -37.98 27.26 -5.99
N LEU A 836 -37.07 26.25 -6.06
CA LEU A 836 -36.89 25.21 -5.04
C LEU A 836 -36.35 25.85 -3.78
N LYS A 837 -37.18 25.85 -2.74
CA LYS A 837 -36.85 26.43 -1.43
C LYS A 837 -36.22 25.35 -0.52
N ARG A 838 -35.69 25.77 0.65
CA ARG A 838 -35.05 24.84 1.58
C ARG A 838 -35.83 24.71 2.91
N ILE A 839 -35.97 23.47 3.42
CA ILE A 839 -36.52 23.17 4.76
C ILE A 839 -35.49 22.26 5.46
N SER A 840 -34.86 22.79 6.54
CA SER A 840 -33.81 22.12 7.30
C SER A 840 -33.53 22.79 8.63
N ARG A 841 -32.56 22.21 9.37
CA ARG A 841 -32.00 22.81 10.58
C ARG A 841 -31.22 24.03 10.14
N ARG A 842 -31.05 25.02 11.02
CA ARG A 842 -30.32 26.24 10.63
C ARG A 842 -28.85 25.94 10.46
N ALA A 843 -28.12 26.82 9.75
CA ALA A 843 -26.68 26.68 9.57
C ALA A 843 -25.97 26.75 10.91
N MET A 844 -25.07 25.78 11.15
CA MET A 844 -24.25 25.61 12.36
C MET A 844 -22.79 25.32 12.01
N SER A 845 -21.89 25.61 12.97
CA SER A 845 -20.46 25.40 12.92
C SER A 845 -20.12 23.96 13.30
N ALA A 846 -21.11 23.20 13.82
CA ALA A 846 -20.98 21.79 14.18
C ALA A 846 -22.06 20.97 13.46
N PRO A 847 -21.88 19.64 13.26
CA PRO A 847 -22.92 18.84 12.57
C PRO A 847 -24.31 18.87 13.26
N SER A 848 -24.33 19.13 14.57
CA SER A 848 -25.58 19.24 15.31
C SER A 848 -25.38 19.94 16.63
N SER A 849 -26.51 20.16 17.34
CA SER A 849 -26.56 20.65 18.71
C SER A 849 -26.08 19.51 19.64
N GLY A 850 -25.60 19.86 20.81
CA GLY A 850 -25.16 18.87 21.79
C GLY A 850 -26.29 18.27 22.61
N SER A 851 -27.41 19.02 22.76
CA SER A 851 -28.56 18.59 23.54
C SER A 851 -29.55 17.76 22.70
N SER A 852 -29.93 16.57 23.22
CA SER A 852 -30.92 15.72 22.56
C SER A 852 -32.33 16.33 22.62
N LYS A 853 -32.59 17.25 23.60
CA LYS A 853 -33.86 17.97 23.74
C LYS A 853 -33.99 19.01 22.63
N VAL A 854 -32.89 19.74 22.31
CA VAL A 854 -32.84 20.73 21.24
C VAL A 854 -33.07 20.00 19.92
N HIS A 855 -32.40 18.83 19.74
CA HIS A 855 -32.55 17.96 18.58
C HIS A 855 -34.03 17.64 18.31
N ALA A 856 -34.75 17.14 19.36
CA ALA A 856 -36.17 16.78 19.31
C ALA A 856 -37.06 17.97 18.92
N VAL A 857 -36.71 19.18 19.40
CA VAL A 857 -37.45 20.41 19.10
C VAL A 857 -37.19 20.82 17.64
N GLU A 858 -35.90 20.78 17.19
CA GLU A 858 -35.53 21.17 15.84
C GLU A 858 -36.19 20.26 14.80
N GLN A 859 -36.22 18.93 15.07
CA GLN A 859 -36.81 17.89 14.22
C GLN A 859 -38.32 18.11 14.00
N GLN A 860 -39.08 18.39 15.08
CA GLN A 860 -40.53 18.64 15.01
C GLN A 860 -40.81 19.93 14.23
N GLU A 861 -39.89 20.89 14.28
CA GLU A 861 -39.96 22.18 13.58
C GLU A 861 -39.91 21.98 12.05
N ILE A 862 -39.00 21.11 11.55
CA ILE A 862 -38.84 20.78 10.13
C ILE A 862 -40.14 20.15 9.61
N LEU A 863 -40.63 19.10 10.31
CA LEU A 863 -41.86 18.37 9.99
C LEU A 863 -43.07 19.31 10.05
N ASP A 864 -43.06 20.30 10.99
CA ASP A 864 -44.12 21.30 11.09
C ASP A 864 -44.04 22.32 9.95
N THR A 865 -42.81 22.66 9.48
CA THR A 865 -42.61 23.61 8.37
C THR A 865 -43.02 22.94 7.07
N ALA A 866 -42.57 21.68 6.87
CA ALA A 866 -42.88 20.85 5.70
C ALA A 866 -44.40 20.73 5.46
N PHE A 867 -45.20 20.83 6.55
CA PHE A 867 -46.65 20.74 6.52
C PHE A 867 -47.33 22.06 6.98
N GLY A 868 -46.53 23.14 7.10
CA GLY A 868 -47.00 24.46 7.51
C GLY A 868 -47.95 25.12 6.54
N PRO B 8 22.60 -23.19 -40.94
CA PRO B 8 23.67 -23.41 -41.93
C PRO B 8 24.94 -23.94 -41.30
N SER B 9 25.72 -24.73 -42.06
CA SER B 9 26.99 -25.32 -41.64
C SER B 9 28.09 -24.26 -41.54
N GLY B 10 28.85 -24.31 -40.45
CA GLY B 10 29.96 -23.40 -40.18
C GLY B 10 29.56 -22.17 -39.39
N SER B 11 28.30 -21.73 -39.57
CA SER B 11 27.70 -20.58 -38.88
C SER B 11 27.06 -21.05 -37.57
N ALA B 12 27.15 -20.22 -36.53
CA ALA B 12 26.58 -20.50 -35.21
C ALA B 12 25.39 -19.60 -34.89
N LEU B 13 24.67 -19.94 -33.81
CA LEU B 13 23.49 -19.21 -33.34
C LEU B 13 23.57 -18.92 -31.84
N LEU B 14 23.05 -17.74 -31.45
CA LEU B 14 22.90 -17.30 -30.07
C LEU B 14 21.42 -17.03 -29.84
N VAL B 15 20.83 -17.65 -28.80
CA VAL B 15 19.41 -17.48 -28.48
C VAL B 15 19.31 -16.92 -27.07
N VAL B 16 18.57 -15.81 -26.90
CA VAL B 16 18.39 -15.21 -25.58
C VAL B 16 17.35 -16.05 -24.83
N LYS B 17 17.77 -16.67 -23.70
CA LYS B 17 16.86 -17.48 -22.89
C LYS B 17 16.45 -16.75 -21.59
N ARG B 18 17.35 -15.91 -21.07
CA ARG B 18 17.10 -15.13 -19.85
C ARG B 18 17.52 -13.68 -20.13
N GLY B 19 16.56 -12.77 -19.99
CA GLY B 19 16.78 -11.35 -20.24
C GLY B 19 15.55 -10.65 -20.79
N PRO B 20 15.54 -9.29 -20.82
CA PRO B 20 14.36 -8.56 -21.32
C PRO B 20 13.97 -8.81 -22.78
N ASN B 21 14.88 -9.39 -23.58
CA ASN B 21 14.60 -9.68 -24.99
C ASN B 21 14.59 -11.20 -25.25
N ALA B 22 14.14 -12.00 -24.26
CA ALA B 22 14.09 -13.46 -24.36
C ALA B 22 13.38 -13.91 -25.65
N GLY B 23 14.00 -14.86 -26.35
CA GLY B 23 13.52 -15.39 -27.62
C GLY B 23 14.27 -14.86 -28.82
N SER B 24 14.99 -13.73 -28.66
CA SER B 24 15.76 -13.10 -29.73
C SER B 24 16.94 -13.98 -30.14
N ARG B 25 17.24 -13.97 -31.44
CA ARG B 25 18.31 -14.78 -32.03
C ARG B 25 19.30 -13.91 -32.82
N PHE B 26 20.59 -14.23 -32.68
CA PHE B 26 21.71 -13.56 -33.34
C PHE B 26 22.55 -14.59 -34.06
N LEU B 27 22.75 -14.41 -35.37
CA LEU B 27 23.54 -15.33 -36.17
C LEU B 27 25.02 -14.96 -36.09
N LEU B 28 25.87 -15.99 -35.90
CA LEU B 28 27.33 -15.85 -35.83
C LEU B 28 27.92 -16.34 -37.17
N ASP B 29 28.17 -15.39 -38.09
CA ASP B 29 28.63 -15.62 -39.48
C ASP B 29 29.83 -14.73 -39.89
N GLN B 30 30.47 -14.06 -38.92
CA GLN B 30 31.55 -13.09 -39.12
C GLN B 30 32.84 -13.49 -38.37
N PRO B 31 34.02 -12.87 -38.66
CA PRO B 31 35.23 -13.19 -37.87
C PRO B 31 35.09 -12.66 -36.43
N THR B 32 34.49 -11.47 -36.22
CA THR B 32 34.24 -10.91 -34.87
C THR B 32 32.82 -10.37 -34.79
N THR B 33 32.13 -10.72 -33.70
CA THR B 33 30.74 -10.30 -33.46
C THR B 33 30.67 -9.65 -32.05
N SER B 34 30.54 -8.33 -32.00
CA SER B 34 30.53 -7.58 -30.75
C SER B 34 29.20 -7.70 -30.01
N ALA B 35 29.28 -7.84 -28.67
CA ALA B 35 28.17 -7.94 -27.73
C ALA B 35 28.35 -6.91 -26.60
N GLY B 36 27.42 -5.99 -26.47
CA GLY B 36 27.48 -4.96 -25.44
C GLY B 36 26.29 -4.03 -25.42
N ARG B 37 26.41 -2.94 -24.65
CA ARG B 37 25.34 -1.95 -24.50
C ARG B 37 25.51 -0.74 -25.46
N HIS B 38 26.59 -0.70 -26.22
CA HIS B 38 26.77 0.33 -27.24
C HIS B 38 25.70 0.07 -28.31
N PRO B 39 24.86 1.06 -28.69
CA PRO B 39 23.82 0.77 -29.69
C PRO B 39 24.37 0.32 -31.06
N ASP B 40 25.67 0.55 -31.33
CA ASP B 40 26.30 0.11 -32.59
C ASP B 40 26.85 -1.34 -32.49
N SER B 41 26.58 -2.04 -31.37
CA SER B 41 26.98 -3.44 -31.13
C SER B 41 26.20 -4.36 -32.07
N ASP B 42 26.85 -5.44 -32.55
CA ASP B 42 26.22 -6.43 -33.43
C ASP B 42 25.10 -7.10 -32.69
N ILE B 43 25.33 -7.39 -31.41
CA ILE B 43 24.39 -7.96 -30.46
C ILE B 43 24.20 -6.89 -29.38
N PHE B 44 23.15 -6.06 -29.54
CA PHE B 44 22.88 -4.98 -28.60
C PHE B 44 22.01 -5.52 -27.44
N LEU B 45 22.67 -5.74 -26.27
CA LEU B 45 22.06 -6.24 -25.03
C LEU B 45 21.83 -5.05 -24.06
N ASP B 46 20.62 -4.47 -24.09
CA ASP B 46 20.25 -3.25 -23.35
C ASP B 46 19.89 -3.46 -21.86
N ASP B 47 20.88 -3.23 -20.98
CA ASP B 47 20.78 -3.33 -19.52
C ASP B 47 22.00 -2.73 -18.84
N VAL B 48 21.76 -2.07 -17.69
CA VAL B 48 22.75 -1.40 -16.84
C VAL B 48 23.85 -2.38 -16.38
N THR B 49 23.58 -3.70 -16.41
CA THR B 49 24.52 -4.76 -16.01
C THR B 49 25.51 -5.12 -17.14
N VAL B 50 25.17 -4.76 -18.38
CA VAL B 50 25.99 -4.99 -19.55
C VAL B 50 26.80 -3.69 -19.81
N SER B 51 28.13 -3.82 -20.02
CA SER B 51 29.00 -2.68 -20.27
C SER B 51 28.91 -2.21 -21.74
N ARG B 52 29.24 -0.91 -22.01
CA ARG B 52 29.26 -0.30 -23.34
CA ARG B 52 29.24 -0.31 -23.35
C ARG B 52 29.91 -1.26 -24.35
N ARG B 53 31.11 -1.76 -23.99
CA ARG B 53 31.86 -2.74 -24.77
C ARG B 53 32.07 -3.86 -23.77
N HIS B 54 31.42 -5.02 -24.00
CA HIS B 54 31.39 -6.10 -23.03
C HIS B 54 32.11 -7.36 -23.50
N ALA B 55 31.63 -7.97 -24.57
CA ALA B 55 32.22 -9.20 -25.08
C ALA B 55 32.36 -9.18 -26.59
N GLU B 56 33.02 -10.22 -27.13
CA GLU B 56 33.20 -10.47 -28.54
C GLU B 56 33.12 -11.97 -28.80
N PHE B 57 32.37 -12.34 -29.84
CA PHE B 57 32.27 -13.71 -30.30
C PHE B 57 33.17 -13.79 -31.54
N ARG B 58 34.30 -14.52 -31.43
CA ARG B 58 35.31 -14.60 -32.48
C ARG B 58 35.32 -15.96 -33.18
N LEU B 59 35.38 -15.94 -34.51
CA LEU B 59 35.45 -17.14 -35.34
C LEU B 59 36.79 -17.17 -36.11
N GLU B 60 37.72 -18.04 -35.67
CA GLU B 60 39.03 -18.28 -36.28
C GLU B 60 39.16 -19.77 -36.54
N GLY B 61 39.36 -20.13 -37.80
CA GLY B 61 39.41 -21.52 -38.23
C GLY B 61 38.00 -22.09 -38.15
N GLY B 62 37.84 -23.17 -37.40
CA GLY B 62 36.52 -23.79 -37.20
C GLY B 62 35.84 -23.48 -35.88
N GLU B 63 36.61 -23.16 -34.83
CA GLU B 63 36.08 -22.96 -33.49
C GLU B 63 35.64 -21.51 -33.18
N PHE B 64 34.48 -21.39 -32.50
CA PHE B 64 33.90 -20.14 -32.01
C PHE B 64 34.39 -19.88 -30.61
N GLN B 65 34.78 -18.65 -30.34
CA GLN B 65 35.34 -18.25 -29.04
C GLN B 65 34.60 -17.03 -28.47
N VAL B 66 34.38 -17.00 -27.16
CA VAL B 66 33.82 -15.81 -26.51
C VAL B 66 35.00 -15.15 -25.77
N VAL B 67 35.10 -13.82 -25.86
CA VAL B 67 36.20 -13.08 -25.27
C VAL B 67 35.65 -11.86 -24.55
N ASP B 68 36.05 -11.68 -23.28
CA ASP B 68 35.72 -10.50 -22.52
C ASP B 68 36.66 -9.40 -22.97
N VAL B 69 36.10 -8.21 -23.30
CA VAL B 69 36.87 -7.08 -23.80
C VAL B 69 36.83 -5.88 -22.81
N GLY B 70 36.92 -6.19 -21.50
CA GLY B 70 37.02 -5.19 -20.44
C GLY B 70 35.74 -4.74 -19.79
N SER B 71 34.78 -5.66 -19.65
CA SER B 71 33.51 -5.37 -19.01
C SER B 71 33.69 -5.33 -17.51
N LEU B 72 32.77 -4.65 -16.81
CA LEU B 72 32.80 -4.57 -15.37
C LEU B 72 32.27 -5.87 -14.74
N ASN B 73 31.15 -6.42 -15.27
CA ASN B 73 30.50 -7.60 -14.67
C ASN B 73 31.00 -8.96 -15.21
N GLY B 74 31.91 -8.92 -16.17
CA GLY B 74 32.53 -10.12 -16.75
C GLY B 74 31.67 -10.92 -17.72
N THR B 75 32.25 -12.01 -18.21
CA THR B 75 31.58 -12.93 -19.13
C THR B 75 31.66 -14.31 -18.46
N TYR B 76 30.58 -15.08 -18.53
CA TYR B 76 30.51 -16.42 -17.96
C TYR B 76 30.15 -17.42 -19.03
N VAL B 77 30.75 -18.62 -18.96
CA VAL B 77 30.42 -19.75 -19.83
C VAL B 77 30.02 -20.87 -18.88
N ASN B 78 28.77 -21.35 -18.98
CA ASN B 78 28.20 -22.40 -18.13
C ASN B 78 28.47 -22.14 -16.61
N ARG B 79 28.17 -20.90 -16.15
CA ARG B 79 28.29 -20.39 -14.77
C ARG B 79 29.77 -20.21 -14.30
N GLU B 80 30.74 -20.26 -15.22
CA GLU B 80 32.15 -20.11 -14.87
C GLU B 80 32.75 -18.84 -15.50
N PRO B 81 33.41 -17.95 -14.69
CA PRO B 81 33.96 -16.71 -15.27
C PRO B 81 35.12 -17.01 -16.21
N VAL B 82 35.17 -16.32 -17.36
CA VAL B 82 36.21 -16.52 -18.36
C VAL B 82 36.74 -15.17 -18.89
N ASP B 83 37.98 -15.18 -19.39
CA ASP B 83 38.62 -14.05 -20.06
C ASP B 83 38.44 -14.27 -21.54
N SER B 84 38.51 -15.56 -21.93
CA SER B 84 38.38 -16.15 -23.27
C SER B 84 38.00 -17.62 -23.12
N ALA B 85 37.11 -18.13 -23.99
CA ALA B 85 36.69 -19.54 -23.95
C ALA B 85 36.22 -20.06 -25.33
N VAL B 86 36.57 -21.32 -25.63
CA VAL B 86 36.10 -21.99 -26.85
C VAL B 86 34.65 -22.41 -26.53
N LEU B 87 33.73 -22.22 -27.48
CA LEU B 87 32.33 -22.56 -27.26
C LEU B 87 31.94 -23.86 -27.95
N ALA B 88 31.03 -24.61 -27.31
CA ALA B 88 30.47 -25.88 -27.78
C ALA B 88 28.95 -25.79 -27.82
N ASN B 89 28.31 -26.50 -28.78
CA ASN B 89 26.85 -26.56 -28.95
C ASN B 89 26.19 -26.84 -27.59
N GLY B 90 25.27 -25.97 -27.21
CA GLY B 90 24.57 -26.10 -25.94
C GLY B 90 25.14 -25.25 -24.81
N ASP B 91 26.33 -24.59 -25.01
CA ASP B 91 26.94 -23.74 -23.95
C ASP B 91 26.11 -22.51 -23.70
N GLU B 92 26.12 -22.03 -22.45
CA GLU B 92 25.41 -20.83 -22.02
C GLU B 92 26.41 -19.74 -21.71
N VAL B 93 26.22 -18.56 -22.32
CA VAL B 93 27.06 -17.39 -22.10
C VAL B 93 26.24 -16.37 -21.31
N GLN B 94 26.82 -15.85 -20.22
CA GLN B 94 26.16 -14.80 -19.44
C GLN B 94 26.87 -13.47 -19.67
N ILE B 95 26.12 -12.48 -20.18
CA ILE B 95 26.61 -11.12 -20.42
C ILE B 95 25.67 -10.22 -19.66
N GLY B 96 26.13 -9.73 -18.50
CA GLY B 96 25.30 -8.96 -17.58
C GLY B 96 24.22 -9.89 -17.06
N LYS B 97 22.95 -9.44 -17.04
CA LYS B 97 21.82 -10.28 -16.61
C LYS B 97 21.33 -11.26 -17.73
N PHE B 98 21.85 -11.12 -18.95
CA PHE B 98 21.46 -11.94 -20.09
C PHE B 98 22.15 -13.27 -20.10
N ARG B 99 21.39 -14.30 -20.44
CA ARG B 99 21.87 -15.68 -20.59
C ARG B 99 21.52 -16.10 -22.00
N LEU B 100 22.55 -16.35 -22.81
CA LEU B 100 22.44 -16.72 -24.22
C LEU B 100 22.85 -18.16 -24.41
N VAL B 101 22.13 -18.89 -25.27
CA VAL B 101 22.45 -20.28 -25.56
C VAL B 101 23.11 -20.35 -26.93
N PHE B 102 24.32 -20.96 -26.97
CA PHE B 102 25.12 -21.14 -28.19
C PHE B 102 24.71 -22.45 -28.88
N LEU B 103 24.37 -22.37 -30.16
CA LEU B 103 24.03 -23.54 -30.97
C LEU B 103 24.89 -23.58 -32.22
N THR B 104 25.40 -24.78 -32.56
CA THR B 104 26.23 -25.07 -33.74
C THR B 104 25.92 -26.46 -34.25
#